data_2MMF
# 
_entry.id   2MMF 
# 
_audit_conform.dict_name       mmcif_pdbx.dic 
_audit_conform.dict_version    5.391 
_audit_conform.dict_location   http://mmcif.pdb.org/dictionaries/ascii/mmcif_pdbx.dic 
# 
loop_
_database_2.database_id 
_database_2.database_code 
_database_2.pdbx_database_accession 
_database_2.pdbx_DOI 
PDB   2MMF         pdb_00002mmf 10.2210/pdb2mmf/pdb 
RCSB  RCSB103788   ?            ?                   
BMRB  19853        ?            10.13018/BMR19853   
WWPDB D_1000103788 ?            ?                   
# 
loop_
_pdbx_audit_revision_history.ordinal 
_pdbx_audit_revision_history.data_content_type 
_pdbx_audit_revision_history.major_revision 
_pdbx_audit_revision_history.minor_revision 
_pdbx_audit_revision_history.revision_date 
1 'Structure model' 1 0 2015-02-25 
2 'Structure model' 1 1 2015-12-23 
3 'Structure model' 1 2 2024-05-01 
# 
_pdbx_audit_revision_details.ordinal             1 
_pdbx_audit_revision_details.revision_ordinal    1 
_pdbx_audit_revision_details.data_content_type   'Structure model' 
_pdbx_audit_revision_details.provider            repository 
_pdbx_audit_revision_details.type                'Initial release' 
_pdbx_audit_revision_details.description         ? 
_pdbx_audit_revision_details.details             ? 
# 
loop_
_pdbx_audit_revision_group.ordinal 
_pdbx_audit_revision_group.revision_ordinal 
_pdbx_audit_revision_group.data_content_type 
_pdbx_audit_revision_group.group 
1 2 'Structure model' 'Database references'  
2 3 'Structure model' 'Data collection'      
3 3 'Structure model' 'Database references'  
4 3 'Structure model' 'Derived calculations' 
# 
loop_
_pdbx_audit_revision_category.ordinal 
_pdbx_audit_revision_category.revision_ordinal 
_pdbx_audit_revision_category.data_content_type 
_pdbx_audit_revision_category.category 
1 3 'Structure model' chem_comp_atom        
2 3 'Structure model' chem_comp_bond        
3 3 'Structure model' database_2            
4 3 'Structure model' pdbx_nmr_software     
5 3 'Structure model' pdbx_nmr_spectrometer 
6 3 'Structure model' struct_conn           
# 
loop_
_pdbx_audit_revision_item.ordinal 
_pdbx_audit_revision_item.revision_ordinal 
_pdbx_audit_revision_item.data_content_type 
_pdbx_audit_revision_item.item 
1  3 'Structure model' '_database_2.pdbx_DOI'                
2  3 'Structure model' '_database_2.pdbx_database_accession' 
3  3 'Structure model' '_pdbx_nmr_software.name'             
4  3 'Structure model' '_pdbx_nmr_spectrometer.model'        
5  3 'Structure model' '_struct_conn.pdbx_leaving_atom_flag' 
6  3 'Structure model' '_struct_conn.ptnr1_auth_comp_id'     
7  3 'Structure model' '_struct_conn.ptnr1_auth_seq_id'      
8  3 'Structure model' '_struct_conn.ptnr1_label_atom_id'    
9  3 'Structure model' '_struct_conn.ptnr1_label_comp_id'    
10 3 'Structure model' '_struct_conn.ptnr1_label_seq_id'     
11 3 'Structure model' '_struct_conn.ptnr2_auth_comp_id'     
12 3 'Structure model' '_struct_conn.ptnr2_auth_seq_id'      
13 3 'Structure model' '_struct_conn.ptnr2_label_atom_id'    
14 3 'Structure model' '_struct_conn.ptnr2_label_comp_id'    
15 3 'Structure model' '_struct_conn.ptnr2_label_seq_id'     
# 
_pdbx_database_status.deposit_site                    BMRB 
_pdbx_database_status.entry_id                        2MMF 
_pdbx_database_status.process_site                    RCSB 
_pdbx_database_status.recvd_initial_deposition_date   2014-03-14 
_pdbx_database_status.SG_entry                        ? 
_pdbx_database_status.status_code                     REL 
_pdbx_database_status.status_code_mr                  REL 
_pdbx_database_status.status_code_sf                  ? 
_pdbx_database_status.status_code_cs                  REL 
_pdbx_database_status.methods_development_category    ? 
_pdbx_database_status.pdb_format_compatible           Y 
_pdbx_database_status.status_code_nmr_data            ? 
# 
_pdbx_database_related.db_id          19853 
_pdbx_database_related.db_name        BMRB 
_pdbx_database_related.content_type   unspecified 
_pdbx_database_related.details        . 
# 
loop_
_audit_author.name 
_audit_author.pdbx_ordinal 
'Li, L.'    1 
'Stone, M.' 2 
# 
_citation.id                        primary 
_citation.title                     
;DNA Sequence Modulates Geometrical Isomerism of the trans-8,9-Dihydro-8-(2,6-diamino-4-oxo-3,4-dihydropyrimid-5-yl-formamido)-9-hydroxy Aflatoxin B1 Adduct.
;
_citation.journal_abbrev            Chem.Res.Toxicol. 
_citation.journal_volume            28 
_citation.page_first                225 
_citation.page_last                 237 
_citation.year                      2015 
_citation.journal_id_ASTM           CRTOEC 
_citation.country                   US 
_citation.journal_id_ISSN           0893-228X 
_citation.journal_id_CSD            2140 
_citation.book_publisher            ? 
_citation.pdbx_database_id_PubMed   25587868 
_citation.pdbx_database_id_DOI      10.1021/tx5003832 
# 
loop_
_citation_author.citation_id 
_citation_author.name 
_citation_author.ordinal 
_citation_author.identifier_ORCID 
primary 'Li, L.'      1 ? 
primary 'Brown, K.L.' 2 ? 
primary 'Ma, R.'      3 ? 
primary 'Stone, M.P.' 4 ? 
# 
loop_
_entity.id 
_entity.type 
_entity.src_method 
_entity.pdbx_description 
_entity.formula_weight 
_entity.pdbx_number_of_molecules 
_entity.pdbx_ec 
_entity.pdbx_mutation 
_entity.pdbx_fragment 
_entity.details 
1 polymer syn "DNA_(5'-D(*CP*TP*AP*AP*(FAG)P*AP*TP*TP*CP*A)-3')" 3374.306 1 ? ? ? ? 
2 polymer syn "DNA_(5'-D(*TP*GP*AP*AP*TP*CP*TP*TP*AP*G)-3')"     3059.028 1 ? ? ? ? 
# 
loop_
_entity_poly.entity_id 
_entity_poly.type 
_entity_poly.nstd_linkage 
_entity_poly.nstd_monomer 
_entity_poly.pdbx_seq_one_letter_code 
_entity_poly.pdbx_seq_one_letter_code_can 
_entity_poly.pdbx_strand_id 
_entity_poly.pdbx_target_identifier 
1 polydeoxyribonucleotide no yes '(DC)(DT)(DA)(DA)(FAG)(DA)(DT)(DT)(DC)(DA)' CTAANATTCA A ? 
2 polydeoxyribonucleotide no no  '(DT)(DG)(DA)(DA)(DT)(DC)(DT)(DT)(DA)(DG)'  TGAATCTTAG B ? 
# 
loop_
_entity_poly_seq.entity_id 
_entity_poly_seq.num 
_entity_poly_seq.mon_id 
_entity_poly_seq.hetero 
1 1  DC  n 
1 2  DT  n 
1 3  DA  n 
1 4  DA  n 
1 5  FAG n 
1 6  DA  n 
1 7  DT  n 
1 8  DT  n 
1 9  DC  n 
1 10 DA  n 
2 1  DT  n 
2 2  DG  n 
2 3  DA  n 
2 4  DA  n 
2 5  DT  n 
2 6  DC  n 
2 7  DT  n 
2 8  DT  n 
2 9  DA  n 
2 10 DG  n 
# 
loop_
_chem_comp.id 
_chem_comp.type 
_chem_comp.mon_nstd_flag 
_chem_comp.name 
_chem_comp.pdbx_synonyms 
_chem_comp.formula 
_chem_comp.formula_weight 
DA  'DNA linking' y "2'-DEOXYADENOSINE-5'-MONOPHOSPHATE" ? 'C10 H14 N5 O6 P'  331.222 
DC  'DNA linking' y "2'-DEOXYCYTIDINE-5'-MONOPHOSPHATE" ? 'C9 H14 N3 O7 P'   307.197 
DG  'DNA linking' y "2'-DEOXYGUANOSINE-5'-MONOPHOSPHATE" ? 'C10 H14 N5 O7 P'  347.221 
DT  'DNA linking' y "THYMIDINE-5'-MONOPHOSPHATE" ? 'C10 H15 N2 O8 P'  322.208 
FAG 'DNA linking' . 
;[1',2'-DIDEOXY[2-AMINO-5-([9-HYDROXY-AFLATOXINB2-8-YL]-FORMYL-AMINO)-6-OXO-1,6-IHYDRO-PYRIMIDIN-4-YLAMINO]-RIBOFURANOSE]-5-MONOPHOSPHATE GROUP
;
? 'C27 H28 N5 O15 P' 693.509 
# 
loop_
_pdbx_poly_seq_scheme.asym_id 
_pdbx_poly_seq_scheme.entity_id 
_pdbx_poly_seq_scheme.seq_id 
_pdbx_poly_seq_scheme.mon_id 
_pdbx_poly_seq_scheme.ndb_seq_num 
_pdbx_poly_seq_scheme.pdb_seq_num 
_pdbx_poly_seq_scheme.auth_seq_num 
_pdbx_poly_seq_scheme.pdb_mon_id 
_pdbx_poly_seq_scheme.auth_mon_id 
_pdbx_poly_seq_scheme.pdb_strand_id 
_pdbx_poly_seq_scheme.pdb_ins_code 
_pdbx_poly_seq_scheme.hetero 
A 1 1  DC  1  1  1  DC  DC  A . n 
A 1 2  DT  2  2  2  DT  DT  A . n 
A 1 3  DA  3  3  3  DA  DA  A . n 
A 1 4  DA  4  4  4  DA  DA  A . n 
A 1 5  FAG 5  5  5  FAG FAG A . n 
A 1 6  DA  6  6  6  DA  DA  A . n 
A 1 7  DT  7  7  7  DT  DT  A . n 
A 1 8  DT  8  8  8  DT  DT  A . n 
A 1 9  DC  9  9  9  DC  DC  A . n 
A 1 10 DA  10 10 10 DA  DA  A . n 
B 2 1  DT  1  11 11 DT  DT  B . n 
B 2 2  DG  2  12 12 DG  DG  B . n 
B 2 3  DA  3  13 13 DA  DA  B . n 
B 2 4  DA  4  14 14 DA  DA  B . n 
B 2 5  DT  5  15 15 DT  DT  B . n 
B 2 6  DC  6  16 16 DC  DC  B . n 
B 2 7  DT  7  17 17 DT  DT  B . n 
B 2 8  DT  8  18 18 DT  DT  B . n 
B 2 9  DA  9  19 19 DA  DA  B . n 
B 2 10 DG  10 20 20 DG  DG  B . n 
# 
_exptl.absorpt_coefficient_mu     ? 
_exptl.absorpt_correction_T_max   ? 
_exptl.absorpt_correction_T_min   ? 
_exptl.absorpt_correction_type    ? 
_exptl.absorpt_process_details    ? 
_exptl.crystals_number            ? 
_exptl.details                    ? 
_exptl.entry_id                   2MMF 
_exptl.method                     'SOLUTION NMR' 
_exptl.method_details             ? 
# 
_struct.entry_id                  2MMF 
_struct.title                     'Solution structure of AGA modified' 
_struct.pdbx_model_details        'closest to the average, model1' 
_struct.pdbx_CASP_flag            ? 
_struct.pdbx_model_type_details   ? 
# 
_struct_keywords.entry_id        2MMF 
_struct_keywords.pdbx_keywords   DNA 
_struct_keywords.text            
'Aflatoxin B1, FAPY, FORMAMIDOPYRIMIDINE, INTERCALATION, DNA DUPLEX, DNA ADDUCT, SEQUENCE DEPENDENCE, DNA' 
# 
loop_
_struct_asym.id 
_struct_asym.pdbx_blank_PDB_chainid_flag 
_struct_asym.pdbx_modified 
_struct_asym.entity_id 
_struct_asym.details 
A N N 1 ? 
B N N 2 ? 
# 
loop_
_struct_ref.id 
_struct_ref.db_name 
_struct_ref.db_code 
_struct_ref.pdbx_db_accession 
_struct_ref.entity_id 
_struct_ref.pdbx_align_begin 
_struct_ref.pdbx_seq_one_letter_code 
_struct_ref.pdbx_db_isoform 
1 PDB 2MMF 2MMF 1 ? CTAANATTCA ? 
2 PDB 2MMF 2MMF 2 ? TGAATCTTAG ? 
# 
loop_
_struct_ref_seq.align_id 
_struct_ref_seq.ref_id 
_struct_ref_seq.pdbx_PDB_id_code 
_struct_ref_seq.pdbx_strand_id 
_struct_ref_seq.seq_align_beg 
_struct_ref_seq.pdbx_seq_align_beg_ins_code 
_struct_ref_seq.seq_align_end 
_struct_ref_seq.pdbx_seq_align_end_ins_code 
_struct_ref_seq.pdbx_db_accession 
_struct_ref_seq.db_align_beg 
_struct_ref_seq.pdbx_db_align_beg_ins_code 
_struct_ref_seq.db_align_end 
_struct_ref_seq.pdbx_db_align_end_ins_code 
_struct_ref_seq.pdbx_auth_seq_align_beg 
_struct_ref_seq.pdbx_auth_seq_align_end 
1 1 2MMF A 1 ? 10 ? 2MMF 1  ? 10 ? 1  10 
2 2 2MMF B 1 ? 10 ? 2MMF 11 ? 20 ? 11 20 
# 
_pdbx_struct_assembly.id                   1 
_pdbx_struct_assembly.details              author_defined_assembly 
_pdbx_struct_assembly.method_details       ? 
_pdbx_struct_assembly.oligomeric_details   dimeric 
_pdbx_struct_assembly.oligomeric_count     2 
# 
_pdbx_struct_assembly_gen.assembly_id       1 
_pdbx_struct_assembly_gen.oper_expression   1 
_pdbx_struct_assembly_gen.asym_id_list      A,B 
# 
_pdbx_struct_oper_list.id                   1 
_pdbx_struct_oper_list.type                 'identity operation' 
_pdbx_struct_oper_list.name                 1_555 
_pdbx_struct_oper_list.symmetry_operation   x,y,z 
_pdbx_struct_oper_list.matrix[1][1]         1.0000000000 
_pdbx_struct_oper_list.matrix[1][2]         0.0000000000 
_pdbx_struct_oper_list.matrix[1][3]         0.0000000000 
_pdbx_struct_oper_list.vector[1]            0.0000000000 
_pdbx_struct_oper_list.matrix[2][1]         0.0000000000 
_pdbx_struct_oper_list.matrix[2][2]         1.0000000000 
_pdbx_struct_oper_list.matrix[2][3]         0.0000000000 
_pdbx_struct_oper_list.vector[2]            0.0000000000 
_pdbx_struct_oper_list.matrix[3][1]         0.0000000000 
_pdbx_struct_oper_list.matrix[3][2]         0.0000000000 
_pdbx_struct_oper_list.matrix[3][3]         1.0000000000 
_pdbx_struct_oper_list.vector[3]            0.0000000000 
# 
_struct_biol.id        1 
_struct_biol.details   ? 
# 
loop_
_struct_conn.id 
_struct_conn.conn_type_id 
_struct_conn.pdbx_leaving_atom_flag 
_struct_conn.pdbx_PDB_id 
_struct_conn.ptnr1_label_asym_id 
_struct_conn.ptnr1_label_comp_id 
_struct_conn.ptnr1_label_seq_id 
_struct_conn.ptnr1_label_atom_id 
_struct_conn.pdbx_ptnr1_label_alt_id 
_struct_conn.pdbx_ptnr1_PDB_ins_code 
_struct_conn.pdbx_ptnr1_standard_comp_id 
_struct_conn.ptnr1_symmetry 
_struct_conn.ptnr2_label_asym_id 
_struct_conn.ptnr2_label_comp_id 
_struct_conn.ptnr2_label_seq_id 
_struct_conn.ptnr2_label_atom_id 
_struct_conn.pdbx_ptnr2_label_alt_id 
_struct_conn.pdbx_ptnr2_PDB_ins_code 
_struct_conn.ptnr1_auth_asym_id 
_struct_conn.ptnr1_auth_comp_id 
_struct_conn.ptnr1_auth_seq_id 
_struct_conn.ptnr2_auth_asym_id 
_struct_conn.ptnr2_auth_comp_id 
_struct_conn.ptnr2_auth_seq_id 
_struct_conn.ptnr2_symmetry 
_struct_conn.pdbx_ptnr3_label_atom_id 
_struct_conn.pdbx_ptnr3_label_seq_id 
_struct_conn.pdbx_ptnr3_label_comp_id 
_struct_conn.pdbx_ptnr3_label_asym_id 
_struct_conn.pdbx_ptnr3_label_alt_id 
_struct_conn.pdbx_ptnr3_PDB_ins_code 
_struct_conn.details 
_struct_conn.pdbx_dist_value 
_struct_conn.pdbx_value_order 
_struct_conn.pdbx_role 
covale1  covale both ? A DA  4  "O3'" ? ? ? 1_555 A FAG 5  P  ? ? A DA  4  A FAG 5  1_555 ? ? ? ? ? ? ?            1.615 ? ? 
covale2  covale one  ? A FAG 5  "O3'" ? ? ? 1_555 A DA  6  P  ? ? A FAG 5  A DA  6  1_555 ? ? ? ? ? ? ?            1.614 ? ? 
hydrog1  hydrog ?    ? A DC  1  N3    ? ? ? 1_555 B DG  10 N1 ? ? A DC  1  B DG  20 1_555 ? ? ? ? ? ? WATSON-CRICK ?     ? ? 
hydrog2  hydrog ?    ? A DC  1  N4    ? ? ? 1_555 B DG  10 O6 ? ? A DC  1  B DG  20 1_555 ? ? ? ? ? ? WATSON-CRICK ?     ? ? 
hydrog3  hydrog ?    ? A DC  1  O2    ? ? ? 1_555 B DG  10 N2 ? ? A DC  1  B DG  20 1_555 ? ? ? ? ? ? WATSON-CRICK ?     ? ? 
hydrog4  hydrog ?    ? A DT  2  N3    ? ? ? 1_555 B DA  9  N1 ? ? A DT  2  B DA  19 1_555 ? ? ? ? ? ? WATSON-CRICK ?     ? ? 
hydrog5  hydrog ?    ? A DT  2  O4    ? ? ? 1_555 B DA  9  N6 ? ? A DT  2  B DA  19 1_555 ? ? ? ? ? ? WATSON-CRICK ?     ? ? 
hydrog6  hydrog ?    ? A DA  3  N1    ? ? ? 1_555 B DT  8  N3 ? ? A DA  3  B DT  18 1_555 ? ? ? ? ? ? WATSON-CRICK ?     ? ? 
hydrog7  hydrog ?    ? A DA  3  N6    ? ? ? 1_555 B DT  8  O4 ? ? A DA  3  B DT  18 1_555 ? ? ? ? ? ? WATSON-CRICK ?     ? ? 
hydrog8  hydrog ?    ? A DA  4  N1    ? ? ? 1_555 B DT  7  N3 ? ? A DA  4  B DT  17 1_555 ? ? ? ? ? ? WATSON-CRICK ?     ? ? 
hydrog9  hydrog ?    ? A DA  4  N6    ? ? ? 1_555 B DT  7  O4 ? ? A DA  4  B DT  17 1_555 ? ? ? ? ? ? WATSON-CRICK ?     ? ? 
hydrog10 hydrog ?    ? A DA  6  N1    ? ? ? 1_555 B DT  5  N3 ? ? A DA  6  B DT  15 1_555 ? ? ? ? ? ? WATSON-CRICK ?     ? ? 
hydrog11 hydrog ?    ? A DA  6  N6    ? ? ? 1_555 B DT  5  O4 ? ? A DA  6  B DT  15 1_555 ? ? ? ? ? ? WATSON-CRICK ?     ? ? 
hydrog12 hydrog ?    ? A DT  7  N3    ? ? ? 1_555 B DA  4  N1 ? ? A DT  7  B DA  14 1_555 ? ? ? ? ? ? WATSON-CRICK ?     ? ? 
hydrog13 hydrog ?    ? A DT  7  O4    ? ? ? 1_555 B DA  4  N6 ? ? A DT  7  B DA  14 1_555 ? ? ? ? ? ? WATSON-CRICK ?     ? ? 
hydrog14 hydrog ?    ? A DT  8  N3    ? ? ? 1_555 B DA  3  N1 ? ? A DT  8  B DA  13 1_555 ? ? ? ? ? ? WATSON-CRICK ?     ? ? 
hydrog15 hydrog ?    ? A DT  8  O4    ? ? ? 1_555 B DA  3  N6 ? ? A DT  8  B DA  13 1_555 ? ? ? ? ? ? WATSON-CRICK ?     ? ? 
hydrog16 hydrog ?    ? A DC  9  N3    ? ? ? 1_555 B DG  2  N1 ? ? A DC  9  B DG  12 1_555 ? ? ? ? ? ? WATSON-CRICK ?     ? ? 
hydrog17 hydrog ?    ? A DC  9  N4    ? ? ? 1_555 B DG  2  O6 ? ? A DC  9  B DG  12 1_555 ? ? ? ? ? ? WATSON-CRICK ?     ? ? 
hydrog18 hydrog ?    ? A DC  9  O2    ? ? ? 1_555 B DG  2  N2 ? ? A DC  9  B DG  12 1_555 ? ? ? ? ? ? WATSON-CRICK ?     ? ? 
hydrog19 hydrog ?    ? A DA  10 N1    ? ? ? 1_555 B DT  1  N3 ? ? A DA  10 B DT  11 1_555 ? ? ? ? ? ? WATSON-CRICK ?     ? ? 
hydrog20 hydrog ?    ? A DA  10 N6    ? ? ? 1_555 B DT  1  O4 ? ? A DA  10 B DT  11 1_555 ? ? ? ? ? ? WATSON-CRICK ?     ? ? 
# 
loop_
_struct_conn_type.id 
_struct_conn_type.criteria 
_struct_conn_type.reference 
covale ? ? 
hydrog ? ? 
# 
_pdbx_validate_rmsd_bond.id                        1 
_pdbx_validate_rmsd_bond.PDB_model_num             1 
_pdbx_validate_rmsd_bond.auth_atom_id_1            "C5'" 
_pdbx_validate_rmsd_bond.auth_asym_id_1            A 
_pdbx_validate_rmsd_bond.auth_comp_id_1            DA 
_pdbx_validate_rmsd_bond.auth_seq_id_1             3 
_pdbx_validate_rmsd_bond.PDB_ins_code_1            ? 
_pdbx_validate_rmsd_bond.label_alt_id_1            ? 
_pdbx_validate_rmsd_bond.auth_atom_id_2            "C4'" 
_pdbx_validate_rmsd_bond.auth_asym_id_2            A 
_pdbx_validate_rmsd_bond.auth_comp_id_2            DA 
_pdbx_validate_rmsd_bond.auth_seq_id_2             3 
_pdbx_validate_rmsd_bond.PDB_ins_code_2            ? 
_pdbx_validate_rmsd_bond.label_alt_id_2            ? 
_pdbx_validate_rmsd_bond.bond_value                1.557 
_pdbx_validate_rmsd_bond.bond_target_value         1.512 
_pdbx_validate_rmsd_bond.bond_deviation            0.045 
_pdbx_validate_rmsd_bond.bond_standard_deviation   0.007 
_pdbx_validate_rmsd_bond.linker_flag               N 
# 
loop_
_pdbx_validate_rmsd_angle.id 
_pdbx_validate_rmsd_angle.PDB_model_num 
_pdbx_validate_rmsd_angle.auth_atom_id_1 
_pdbx_validate_rmsd_angle.auth_asym_id_1 
_pdbx_validate_rmsd_angle.auth_comp_id_1 
_pdbx_validate_rmsd_angle.auth_seq_id_1 
_pdbx_validate_rmsd_angle.PDB_ins_code_1 
_pdbx_validate_rmsd_angle.label_alt_id_1 
_pdbx_validate_rmsd_angle.auth_atom_id_2 
_pdbx_validate_rmsd_angle.auth_asym_id_2 
_pdbx_validate_rmsd_angle.auth_comp_id_2 
_pdbx_validate_rmsd_angle.auth_seq_id_2 
_pdbx_validate_rmsd_angle.PDB_ins_code_2 
_pdbx_validate_rmsd_angle.label_alt_id_2 
_pdbx_validate_rmsd_angle.auth_atom_id_3 
_pdbx_validate_rmsd_angle.auth_asym_id_3 
_pdbx_validate_rmsd_angle.auth_comp_id_3 
_pdbx_validate_rmsd_angle.auth_seq_id_3 
_pdbx_validate_rmsd_angle.PDB_ins_code_3 
_pdbx_validate_rmsd_angle.label_alt_id_3 
_pdbx_validate_rmsd_angle.angle_value 
_pdbx_validate_rmsd_angle.angle_target_value 
_pdbx_validate_rmsd_angle.angle_deviation 
_pdbx_validate_rmsd_angle.angle_standard_deviation 
_pdbx_validate_rmsd_angle.linker_flag 
1  1 "O4'" A DC 1  ? ? "C1'" A DC 1  ? ? N1    A DC 1  ? ? 111.03 108.30 2.73  0.30 N 
2  1 N1    A DC 1  ? ? C2    A DC 1  ? ? O2    A DC 1  ? ? 122.92 118.90 4.02  0.60 N 
3  1 N3    A DC 1  ? ? C2    A DC 1  ? ? O2    A DC 1  ? ? 116.54 121.90 -5.36 0.70 N 
4  1 N3    A DT 2  ? ? C2    A DT 2  ? ? O2    A DT 2  ? ? 118.65 122.30 -3.65 0.60 N 
5  1 C6    A DT 2  ? ? C5    A DT 2  ? ? C7    A DT 2  ? ? 119.20 122.90 -3.70 0.60 N 
6  1 C4    A DA 3  ? ? C5    A DA 3  ? ? C6    A DA 3  ? ? 113.61 117.00 -3.39 0.50 N 
7  1 C5    A DA 4  ? ? C6    A DA 4  ? ? N1    A DA 4  ? ? 120.85 117.70 3.15  0.50 N 
8  1 N1    A DA 4  ? ? C6    A DA 4  ? ? N6    A DA 4  ? ? 113.68 118.60 -4.92 0.60 N 
9  1 "O4'" A DA 6  ? ? "C1'" A DA 6  ? ? N9    A DA 6  ? ? 110.74 108.30 2.44  0.30 N 
10 1 C4    A DA 6  ? ? C5    A DA 6  ? ? C6    A DA 6  ? ? 113.33 117.00 -3.67 0.50 N 
11 1 C5    A DA 6  ? ? C6    A DA 6  ? ? N1    A DA 6  ? ? 121.76 117.70 4.06  0.50 N 
12 1 N1    A DA 6  ? ? C6    A DA 6  ? ? N6    A DA 6  ? ? 114.26 118.60 -4.34 0.60 N 
13 1 C4    A DT 7  ? ? C5    A DT 7  ? ? C6    A DT 7  ? ? 121.82 118.00 3.82  0.60 N 
14 1 N3    A DT 7  ? ? C2    A DT 7  ? ? O2    A DT 7  ? ? 118.62 122.30 -3.68 0.60 N 
15 1 C6    A DT 7  ? ? C5    A DT 7  ? ? C7    A DT 7  ? ? 118.53 122.90 -4.37 0.60 N 
16 1 "O4'" A DC 9  ? ? "C4'" A DC 9  ? ? "C3'" A DC 9  ? ? 109.77 106.00 3.77  0.60 N 
17 1 N1    A DC 9  ? ? C2    A DC 9  ? ? O2    A DC 9  ? ? 123.43 118.90 4.53  0.60 N 
18 1 N3    A DC 9  ? ? C2    A DC 9  ? ? O2    A DC 9  ? ? 116.04 121.90 -5.86 0.70 N 
19 1 "O4'" A DA 10 ? ? "C1'" A DA 10 ? ? N9    A DA 10 ? ? 111.34 108.30 3.04  0.30 N 
20 1 C4    A DA 10 ? ? C5    A DA 10 ? ? C6    A DA 10 ? ? 113.89 117.00 -3.11 0.50 N 
21 1 C5    A DA 10 ? ? C6    A DA 10 ? ? N1    A DA 10 ? ? 121.82 117.70 4.12  0.50 N 
22 1 N1    A DA 10 ? ? C6    A DA 10 ? ? N6    A DA 10 ? ? 112.03 118.60 -6.57 0.60 N 
23 1 "O4'" B DT 11 ? ? "C1'" B DT 11 ? ? N1    B DT 11 ? ? 110.35 108.30 2.05  0.30 N 
24 1 "O4'" B DG 12 ? ? "C1'" B DG 12 ? ? N9    B DG 12 ? ? 113.09 108.30 4.79  0.30 N 
25 1 N1    B DG 12 ? ? C6    B DG 12 ? ? O6    B DG 12 ? ? 115.83 119.90 -4.07 0.60 N 
26 1 C4    B DA 13 ? ? C5    B DA 13 ? ? C6    B DA 13 ? ? 113.10 117.00 -3.90 0.50 N 
27 1 C5    B DA 13 ? ? C6    B DA 13 ? ? N1    B DA 13 ? ? 121.24 117.70 3.54  0.50 N 
28 1 N1    B DA 13 ? ? C6    B DA 13 ? ? N6    B DA 13 ? ? 112.78 118.60 -5.82 0.60 N 
29 1 C4    B DA 14 ? ? C5    B DA 14 ? ? C6    B DA 14 ? ? 113.84 117.00 -3.16 0.50 N 
30 1 N1    B DA 14 ? ? C6    B DA 14 ? ? N6    B DA 14 ? ? 114.16 118.60 -4.44 0.60 N 
31 1 "O4'" B DT 15 ? ? "C1'" B DT 15 ? ? N1    B DT 15 ? ? 113.49 108.30 5.19  0.30 N 
32 1 "O4'" B DT 17 ? ? "C1'" B DT 17 ? ? N1    B DT 17 ? ? 112.83 108.30 4.53  0.30 N 
33 1 C4    B DT 17 ? ? C5    B DT 17 ? ? C6    B DT 17 ? ? 121.90 118.00 3.90  0.60 N 
34 1 C5    B DT 17 ? ? C6    B DT 17 ? ? N1    B DT 17 ? ? 119.69 123.70 -4.01 0.60 N 
35 1 "O4'" B DT 18 ? ? "C1'" B DT 18 ? ? N1    B DT 18 ? ? 115.12 108.30 6.82  0.30 N 
36 1 C5    B DA 19 ? ? C6    B DA 19 ? ? N1    B DA 19 ? ? 121.38 117.70 3.68  0.50 N 
37 1 N1    B DA 19 ? ? C6    B DA 19 ? ? N6    B DA 19 ? ? 113.57 118.60 -5.03 0.60 N 
38 1 "O4'" B DG 20 ? ? "C1'" B DG 20 ? ? N9    B DG 20 ? ? 111.45 108.30 3.15  0.30 N 
# 
_pdbx_nmr_ensemble.average_constraint_violations_per_residue     ? 
_pdbx_nmr_ensemble.average_constraints_per_residue               ? 
_pdbx_nmr_ensemble.average_distance_constraint_violation         ? 
_pdbx_nmr_ensemble.average_torsion_angle_constraint_violation    ? 
_pdbx_nmr_ensemble.conformer_selection_criteria                  'back calculated data agree with experimental NOESY spectrum' 
_pdbx_nmr_ensemble.conformers_calculated_total_number            10 
_pdbx_nmr_ensemble.conformers_submitted_total_number             1 
_pdbx_nmr_ensemble.distance_constraint_violation_method          ? 
_pdbx_nmr_ensemble.entry_id                                      2MMF 
_pdbx_nmr_ensemble.maximum_distance_constraint_violation         ? 
_pdbx_nmr_ensemble.maximum_lower_distance_constraint_violation   ? 
_pdbx_nmr_ensemble.maximum_torsion_angle_constraint_violation    ? 
_pdbx_nmr_ensemble.maximum_upper_distance_constraint_violation   ? 
_pdbx_nmr_ensemble.torsion_angle_constraint_violation_method     ? 
# 
_pdbx_nmr_representative.conformer_id         1 
_pdbx_nmr_representative.entry_id             2MMF 
_pdbx_nmr_representative.selection_criteria   'closest to the average' 
# 
_pdbx_nmr_sample_details.contents         
;0.5 mM DNA (5'-D(*CP*TP*AP*AP*(FAG)P*AP*TP*TP*CP*A)-3'), 0.5 mM DNA (5'-D(*TP*GP*AP*AP*TP*CP*TP*TP*AP*G)-3'), 100% D2O
;
_pdbx_nmr_sample_details.solution_id      1 
_pdbx_nmr_sample_details.solvent_system   '100% D2O' 
# 
loop_
_pdbx_nmr_exptl_sample.component 
_pdbx_nmr_exptl_sample.concentration 
_pdbx_nmr_exptl_sample.concentration_range 
_pdbx_nmr_exptl_sample.concentration_units 
_pdbx_nmr_exptl_sample.isotopic_labeling 
_pdbx_nmr_exptl_sample.solution_id 
;DNA (5'-D(*CP*TP*AP*AP*(FAG)P*AP*TP*TP*CP*A)-3')-1
;
0.5 ? mM ? 1 
;DNA (5'-D(*TP*GP*AP*AP*TP*CP*TP*TP*AP*G)-3')-2
;
0.5 ? mM ? 1 
# 
_pdbx_nmr_exptl_sample_conditions.conditions_id       1 
_pdbx_nmr_exptl_sample_conditions.ionic_strength      0.1 
_pdbx_nmr_exptl_sample_conditions.pH                  7 
_pdbx_nmr_exptl_sample_conditions.pressure            ambient 
_pdbx_nmr_exptl_sample_conditions.pressure_units      ? 
_pdbx_nmr_exptl_sample_conditions.temperature         283 
_pdbx_nmr_exptl_sample_conditions.temperature_units   K 
# 
loop_
_pdbx_nmr_exptl.conditions_id 
_pdbx_nmr_exptl.experiment_id 
_pdbx_nmr_exptl.solution_id 
_pdbx_nmr_exptl.type 
1 1 1 '2D 1H-1H COSY'  
1 2 1 '2D 1H-1H NOESY' 
# 
_pdbx_nmr_constraints.disulfide_bond_constraints_total_count        ? 
_pdbx_nmr_constraints.entry_id                                      2MMF 
_pdbx_nmr_constraints.hydrogen_bond_constraints_total_count         ? 
_pdbx_nmr_constraints.NA_alpha-angle_constraints_total_count        ? 
_pdbx_nmr_constraints.NA_beta-angle_constraints_total_count         ? 
_pdbx_nmr_constraints.NA_chi-angle_constraints_total_count          ? 
_pdbx_nmr_constraints.NA_delta-angle_constraints_total_count        ? 
_pdbx_nmr_constraints.NA_epsilon-angle_constraints_total_count      ? 
_pdbx_nmr_constraints.NA_gamma-angle_constraints_total_count        ? 
_pdbx_nmr_constraints.NA_other-angle_constraints_total_count        ? 
_pdbx_nmr_constraints.NA_sugar_pucker_constraints_total_count       ? 
_pdbx_nmr_constraints.NOE_constraints_total                         256 
_pdbx_nmr_constraints.NOE_interentity_total_count                   ? 
_pdbx_nmr_constraints.NOE_interproton_distance_evaluation           ? 
_pdbx_nmr_constraints.NOE_intraresidue_total_count                  160 
_pdbx_nmr_constraints.NOE_long_range_total_count                    ? 
_pdbx_nmr_constraints.NOE_medium_range_total_count                  ? 
_pdbx_nmr_constraints.NOE_motional_averaging_correction             ? 
_pdbx_nmr_constraints.NOE_pseudoatom_corrections                    ? 
_pdbx_nmr_constraints.NOE_sequential_total_count                    96 
_pdbx_nmr_constraints.protein_chi_angle_constraints_total_count     ? 
_pdbx_nmr_constraints.protein_other_angle_constraints_total_count   ? 
_pdbx_nmr_constraints.protein_phi_angle_constraints_total_count     ? 
_pdbx_nmr_constraints.protein_psi_angle_constraints_total_count     ? 
# 
_pdbx_nmr_refine.entry_id           2MMF 
_pdbx_nmr_refine.method             'DGSA-distance geometry simulated annealing' 
_pdbx_nmr_refine.details            ? 
_pdbx_nmr_refine.software_ordinal   1 
# 
loop_
_pdbx_nmr_software.authors 
_pdbx_nmr_software.classification 
_pdbx_nmr_software.name 
_pdbx_nmr_software.version 
_pdbx_nmr_software.ordinal 
'Bruker Biospin'                                                            collection TopSpin ?  1 
'Case, Darden, Cheatham, III, Simmerling, Wang, Duke, Luo, ... and Kollman' refinement Amber   12 2 
# 
loop_
_chem_comp_atom.comp_id 
_chem_comp_atom.atom_id 
_chem_comp_atom.type_symbol 
_chem_comp_atom.pdbx_aromatic_flag 
_chem_comp_atom.pdbx_stereo_config 
_chem_comp_atom.pdbx_ordinal 
DA  OP3    O N N 1   
DA  P      P N N 2   
DA  OP1    O N N 3   
DA  OP2    O N N 4   
DA  "O5'"  O N N 5   
DA  "C5'"  C N N 6   
DA  "C4'"  C N R 7   
DA  "O4'"  O N N 8   
DA  "C3'"  C N S 9   
DA  "O3'"  O N N 10  
DA  "C2'"  C N N 11  
DA  "C1'"  C N R 12  
DA  N9     N Y N 13  
DA  C8     C Y N 14  
DA  N7     N Y N 15  
DA  C5     C Y N 16  
DA  C6     C Y N 17  
DA  N6     N N N 18  
DA  N1     N Y N 19  
DA  C2     C Y N 20  
DA  N3     N Y N 21  
DA  C4     C Y N 22  
DA  HOP3   H N N 23  
DA  HOP2   H N N 24  
DA  "H5'"  H N N 25  
DA  "H5''" H N N 26  
DA  "H4'"  H N N 27  
DA  "H3'"  H N N 28  
DA  "HO3'" H N N 29  
DA  "H2'"  H N N 30  
DA  "H2''" H N N 31  
DA  "H1'"  H N N 32  
DA  H8     H N N 33  
DA  H61    H N N 34  
DA  H62    H N N 35  
DA  H2     H N N 36  
DC  OP3    O N N 37  
DC  P      P N N 38  
DC  OP1    O N N 39  
DC  OP2    O N N 40  
DC  "O5'"  O N N 41  
DC  "C5'"  C N N 42  
DC  "C4'"  C N R 43  
DC  "O4'"  O N N 44  
DC  "C3'"  C N S 45  
DC  "O3'"  O N N 46  
DC  "C2'"  C N N 47  
DC  "C1'"  C N R 48  
DC  N1     N N N 49  
DC  C2     C N N 50  
DC  O2     O N N 51  
DC  N3     N N N 52  
DC  C4     C N N 53  
DC  N4     N N N 54  
DC  C5     C N N 55  
DC  C6     C N N 56  
DC  HOP3   H N N 57  
DC  HOP2   H N N 58  
DC  "H5'"  H N N 59  
DC  "H5''" H N N 60  
DC  "H4'"  H N N 61  
DC  "H3'"  H N N 62  
DC  "HO3'" H N N 63  
DC  "H2'"  H N N 64  
DC  "H2''" H N N 65  
DC  "H1'"  H N N 66  
DC  H41    H N N 67  
DC  H42    H N N 68  
DC  H5     H N N 69  
DC  H6     H N N 70  
DG  OP3    O N N 71  
DG  P      P N N 72  
DG  OP1    O N N 73  
DG  OP2    O N N 74  
DG  "O5'"  O N N 75  
DG  "C5'"  C N N 76  
DG  "C4'"  C N R 77  
DG  "O4'"  O N N 78  
DG  "C3'"  C N S 79  
DG  "O3'"  O N N 80  
DG  "C2'"  C N N 81  
DG  "C1'"  C N R 82  
DG  N9     N Y N 83  
DG  C8     C Y N 84  
DG  N7     N Y N 85  
DG  C5     C Y N 86  
DG  C6     C N N 87  
DG  O6     O N N 88  
DG  N1     N N N 89  
DG  C2     C N N 90  
DG  N2     N N N 91  
DG  N3     N N N 92  
DG  C4     C Y N 93  
DG  HOP3   H N N 94  
DG  HOP2   H N N 95  
DG  "H5'"  H N N 96  
DG  "H5''" H N N 97  
DG  "H4'"  H N N 98  
DG  "H3'"  H N N 99  
DG  "HO3'" H N N 100 
DG  "H2'"  H N N 101 
DG  "H2''" H N N 102 
DG  "H1'"  H N N 103 
DG  H8     H N N 104 
DG  H1     H N N 105 
DG  H21    H N N 106 
DG  H22    H N N 107 
DT  OP3    O N N 108 
DT  P      P N N 109 
DT  OP1    O N N 110 
DT  OP2    O N N 111 
DT  "O5'"  O N N 112 
DT  "C5'"  C N N 113 
DT  "C4'"  C N R 114 
DT  "O4'"  O N N 115 
DT  "C3'"  C N S 116 
DT  "O3'"  O N N 117 
DT  "C2'"  C N N 118 
DT  "C1'"  C N R 119 
DT  N1     N N N 120 
DT  C2     C N N 121 
DT  O2     O N N 122 
DT  N3     N N N 123 
DT  C4     C N N 124 
DT  O4     O N N 125 
DT  C5     C N N 126 
DT  C7     C N N 127 
DT  C6     C N N 128 
DT  HOP3   H N N 129 
DT  HOP2   H N N 130 
DT  "H5'"  H N N 131 
DT  "H5''" H N N 132 
DT  "H4'"  H N N 133 
DT  "H3'"  H N N 134 
DT  "HO3'" H N N 135 
DT  "H2'"  H N N 136 
DT  "H2''" H N N 137 
DT  "H1'"  H N N 138 
DT  H3     H N N 139 
DT  H71    H N N 140 
DT  H72    H N N 141 
DT  H73    H N N 142 
DT  H6     H N N 143 
FAG C3A    C N N 144 
FAG C3     C N N 145 
FAG C2A    C N N 146 
FAG C1     C N N 147 
FAG O1     O N N 148 
FAG P      P N N 149 
FAG O1P    O N N 150 
FAG O2P    O N N 151 
FAG "O5'"  O N N 152 
FAG "C5'"  C N N 153 
FAG "C4'"  C N R 154 
FAG "O4'"  O N N 155 
FAG "C1'"  C N R 156 
FAG N9     N N N 157 
FAG C4     C N N 158 
FAG N3     N N N 159 
FAG C2     C N N 160 
FAG N2     N N N 161 
FAG N1     N N N 162 
FAG C6     C N N 163 
FAG O6     O N N 164 
FAG C5     C N N 165 
FAG N7     N N N 166 
FAG C8     C N N 167 
FAG O8     O N N 168 
FAG "C2'"  C N N 169 
FAG "C3'"  C N S 170 
FAG "O3'"  O N N 171 
FAG C8A    C N R 172 
FAG C9     C N R 173 
FAG O9     O N N 174 
FAG C9A    C N R 175 
FAG C9B    C Y N 176 
FAG O7     O N N 177 
FAG C6A    C N S 178 
FAG O6A    O N N 179 
FAG C5M    C Y N 180 
FAG C5B    C Y N 181 
FAG C4B    C Y N 182 
FAG O4     O N N 183 
FAG CM     C N N 184 
FAG C4A    C Y N 185 
FAG CAA    C Y N 186 
FAG O10    O N N 187 
FAG C11    C N N 188 
FAG O11    O N N 189 
FAG CBA    C N N 190 
FAG H31    H N N 191 
FAG H32    H N N 192 
FAG H2A1   H N N 193 
FAG H2A2   H N N 194 
FAG HOP2   H N N 195 
FAG "H5'1" H N N 196 
FAG "H5'2" H N N 197 
FAG "H4'"  H N N 198 
FAG "H1'"  H N N 199 
FAG HN9    H N N 200 
FAG HN21   H N N 201 
FAG HN22   H N N 202 
FAG H1     H N N 203 
FAG H8     H N N 204 
FAG "H2'1" H N N 205 
FAG "H2'2" H N N 206 
FAG "H3'"  H N N 207 
FAG "HO3'" H N N 208 
FAG H8A    H N N 209 
FAG H9     H N N 210 
FAG HO9    H N N 211 
FAG H9A    H N N 212 
FAG H6A    H N N 213 
FAG H5B    H N N 214 
FAG HM1    H N N 215 
FAG HM2    H N N 216 
FAG HM3    H N N 217 
FAG O3P    O N N 218 
FAG HOP3   H N N 219 
# 
loop_
_chem_comp_bond.comp_id 
_chem_comp_bond.atom_id_1 
_chem_comp_bond.atom_id_2 
_chem_comp_bond.value_order 
_chem_comp_bond.pdbx_aromatic_flag 
_chem_comp_bond.pdbx_stereo_config 
_chem_comp_bond.pdbx_ordinal 
DA  OP3   P      sing N N 1   
DA  OP3   HOP3   sing N N 2   
DA  P     OP1    doub N N 3   
DA  P     OP2    sing N N 4   
DA  P     "O5'"  sing N N 5   
DA  OP2   HOP2   sing N N 6   
DA  "O5'" "C5'"  sing N N 7   
DA  "C5'" "C4'"  sing N N 8   
DA  "C5'" "H5'"  sing N N 9   
DA  "C5'" "H5''" sing N N 10  
DA  "C4'" "O4'"  sing N N 11  
DA  "C4'" "C3'"  sing N N 12  
DA  "C4'" "H4'"  sing N N 13  
DA  "O4'" "C1'"  sing N N 14  
DA  "C3'" "O3'"  sing N N 15  
DA  "C3'" "C2'"  sing N N 16  
DA  "C3'" "H3'"  sing N N 17  
DA  "O3'" "HO3'" sing N N 18  
DA  "C2'" "C1'"  sing N N 19  
DA  "C2'" "H2'"  sing N N 20  
DA  "C2'" "H2''" sing N N 21  
DA  "C1'" N9     sing N N 22  
DA  "C1'" "H1'"  sing N N 23  
DA  N9    C8     sing Y N 24  
DA  N9    C4     sing Y N 25  
DA  C8    N7     doub Y N 26  
DA  C8    H8     sing N N 27  
DA  N7    C5     sing Y N 28  
DA  C5    C6     sing Y N 29  
DA  C5    C4     doub Y N 30  
DA  C6    N6     sing N N 31  
DA  C6    N1     doub Y N 32  
DA  N6    H61    sing N N 33  
DA  N6    H62    sing N N 34  
DA  N1    C2     sing Y N 35  
DA  C2    N3     doub Y N 36  
DA  C2    H2     sing N N 37  
DA  N3    C4     sing Y N 38  
DC  OP3   P      sing N N 39  
DC  OP3   HOP3   sing N N 40  
DC  P     OP1    doub N N 41  
DC  P     OP2    sing N N 42  
DC  P     "O5'"  sing N N 43  
DC  OP2   HOP2   sing N N 44  
DC  "O5'" "C5'"  sing N N 45  
DC  "C5'" "C4'"  sing N N 46  
DC  "C5'" "H5'"  sing N N 47  
DC  "C5'" "H5''" sing N N 48  
DC  "C4'" "O4'"  sing N N 49  
DC  "C4'" "C3'"  sing N N 50  
DC  "C4'" "H4'"  sing N N 51  
DC  "O4'" "C1'"  sing N N 52  
DC  "C3'" "O3'"  sing N N 53  
DC  "C3'" "C2'"  sing N N 54  
DC  "C3'" "H3'"  sing N N 55  
DC  "O3'" "HO3'" sing N N 56  
DC  "C2'" "C1'"  sing N N 57  
DC  "C2'" "H2'"  sing N N 58  
DC  "C2'" "H2''" sing N N 59  
DC  "C1'" N1     sing N N 60  
DC  "C1'" "H1'"  sing N N 61  
DC  N1    C2     sing N N 62  
DC  N1    C6     sing N N 63  
DC  C2    O2     doub N N 64  
DC  C2    N3     sing N N 65  
DC  N3    C4     doub N N 66  
DC  C4    N4     sing N N 67  
DC  C4    C5     sing N N 68  
DC  N4    H41    sing N N 69  
DC  N4    H42    sing N N 70  
DC  C5    C6     doub N N 71  
DC  C5    H5     sing N N 72  
DC  C6    H6     sing N N 73  
DG  OP3   P      sing N N 74  
DG  OP3   HOP3   sing N N 75  
DG  P     OP1    doub N N 76  
DG  P     OP2    sing N N 77  
DG  P     "O5'"  sing N N 78  
DG  OP2   HOP2   sing N N 79  
DG  "O5'" "C5'"  sing N N 80  
DG  "C5'" "C4'"  sing N N 81  
DG  "C5'" "H5'"  sing N N 82  
DG  "C5'" "H5''" sing N N 83  
DG  "C4'" "O4'"  sing N N 84  
DG  "C4'" "C3'"  sing N N 85  
DG  "C4'" "H4'"  sing N N 86  
DG  "O4'" "C1'"  sing N N 87  
DG  "C3'" "O3'"  sing N N 88  
DG  "C3'" "C2'"  sing N N 89  
DG  "C3'" "H3'"  sing N N 90  
DG  "O3'" "HO3'" sing N N 91  
DG  "C2'" "C1'"  sing N N 92  
DG  "C2'" "H2'"  sing N N 93  
DG  "C2'" "H2''" sing N N 94  
DG  "C1'" N9     sing N N 95  
DG  "C1'" "H1'"  sing N N 96  
DG  N9    C8     sing Y N 97  
DG  N9    C4     sing Y N 98  
DG  C8    N7     doub Y N 99  
DG  C8    H8     sing N N 100 
DG  N7    C5     sing Y N 101 
DG  C5    C6     sing N N 102 
DG  C5    C4     doub Y N 103 
DG  C6    O6     doub N N 104 
DG  C6    N1     sing N N 105 
DG  N1    C2     sing N N 106 
DG  N1    H1     sing N N 107 
DG  C2    N2     sing N N 108 
DG  C2    N3     doub N N 109 
DG  N2    H21    sing N N 110 
DG  N2    H22    sing N N 111 
DG  N3    C4     sing N N 112 
DT  OP3   P      sing N N 113 
DT  OP3   HOP3   sing N N 114 
DT  P     OP1    doub N N 115 
DT  P     OP2    sing N N 116 
DT  P     "O5'"  sing N N 117 
DT  OP2   HOP2   sing N N 118 
DT  "O5'" "C5'"  sing N N 119 
DT  "C5'" "C4'"  sing N N 120 
DT  "C5'" "H5'"  sing N N 121 
DT  "C5'" "H5''" sing N N 122 
DT  "C4'" "O4'"  sing N N 123 
DT  "C4'" "C3'"  sing N N 124 
DT  "C4'" "H4'"  sing N N 125 
DT  "O4'" "C1'"  sing N N 126 
DT  "C3'" "O3'"  sing N N 127 
DT  "C3'" "C2'"  sing N N 128 
DT  "C3'" "H3'"  sing N N 129 
DT  "O3'" "HO3'" sing N N 130 
DT  "C2'" "C1'"  sing N N 131 
DT  "C2'" "H2'"  sing N N 132 
DT  "C2'" "H2''" sing N N 133 
DT  "C1'" N1     sing N N 134 
DT  "C1'" "H1'"  sing N N 135 
DT  N1    C2     sing N N 136 
DT  N1    C6     sing N N 137 
DT  C2    O2     doub N N 138 
DT  C2    N3     sing N N 139 
DT  N3    C4     sing N N 140 
DT  N3    H3     sing N N 141 
DT  C4    O4     doub N N 142 
DT  C4    C5     sing N N 143 
DT  C5    C7     sing N N 144 
DT  C5    C6     doub N N 145 
DT  C7    H71    sing N N 146 
DT  C7    H72    sing N N 147 
DT  C7    H73    sing N N 148 
DT  C6    H6     sing N N 149 
FAG C3A   C3     sing N N 150 
FAG C3A   C4A    sing N N 151 
FAG C3A   CBA    doub N N 152 
FAG C3    C2A    sing N N 153 
FAG C3    H31    sing N N 154 
FAG C3    H32    sing N N 155 
FAG C2A   C1     sing N N 156 
FAG C2A   H2A1   sing N N 157 
FAG C2A   H2A2   sing N N 158 
FAG C1    O1     doub N N 159 
FAG C1    CBA    sing N N 160 
FAG P     O1P    doub N N 161 
FAG P     O2P    sing N N 162 
FAG P     "O5'"  sing N N 163 
FAG O2P   HOP2   sing N N 164 
FAG "O5'" "C5'"  sing N N 165 
FAG "C5'" "C4'"  sing N N 166 
FAG "C5'" "H5'1" sing N N 167 
FAG "C5'" "H5'2" sing N N 168 
FAG "C4'" "O4'"  sing N N 169 
FAG "C4'" "C3'"  sing N N 170 
FAG "C4'" "H4'"  sing N N 171 
FAG "O4'" "C1'"  sing N N 172 
FAG "C1'" N9     sing N N 173 
FAG "C1'" "C2'"  sing N N 174 
FAG "C1'" "H1'"  sing N N 175 
FAG N9    C4     sing N N 176 
FAG N9    HN9    sing N N 177 
FAG C4    N3     sing N N 178 
FAG C4    C5     doub N N 179 
FAG N3    C2     doub N N 180 
FAG C2    N2     sing N N 181 
FAG C2    N1     sing N N 182 
FAG N2    HN21   sing N N 183 
FAG N2    HN22   sing N N 184 
FAG N1    C6     sing N N 185 
FAG N1    H1     sing N N 186 
FAG C6    O6     doub N N 187 
FAG C6    C5     sing N N 188 
FAG C5    N7     sing N N 189 
FAG N7    C8     sing N N 190 
FAG N7    C8A    sing N N 191 
FAG C8    O8     doub N N 192 
FAG C8    H8     sing N N 193 
FAG "C2'" "C3'"  sing N N 194 
FAG "C2'" "H2'1" sing N N 195 
FAG "C2'" "H2'2" sing N N 196 
FAG "C3'" "O3'"  sing N N 197 
FAG "C3'" "H3'"  sing N N 198 
FAG "O3'" "HO3'" sing N N 199 
FAG C8A   C9     sing N N 200 
FAG C8A   O7     sing N N 201 
FAG C8A   H8A    sing N N 202 
FAG C9    O9     sing N N 203 
FAG C9    C9A    sing N N 204 
FAG C9    H9     sing N N 205 
FAG O9    HO9    sing N N 206 
FAG C9A   C9B    sing N N 207 
FAG C9A   C6A    sing N N 208 
FAG C9A   H9A    sing N N 209 
FAG C9B   C5M    doub Y N 210 
FAG C9B   CAA    sing Y N 211 
FAG O7    C6A    sing N N 212 
FAG C6A   O6A    sing N N 213 
FAG C6A   H6A    sing N N 214 
FAG O6A   C5M    sing N N 215 
FAG C5M   C5B    sing Y N 216 
FAG C5B   C4B    doub Y N 217 
FAG C5B   H5B    sing N N 218 
FAG C4B   O4     sing N N 219 
FAG C4B   C4A    sing Y N 220 
FAG O4    CM     sing N N 221 
FAG CM    HM1    sing N N 222 
FAG CM    HM2    sing N N 223 
FAG CM    HM3    sing N N 224 
FAG C4A   CAA    doub Y N 225 
FAG CAA   O10    sing N N 226 
FAG O10   C11    sing N N 227 
FAG C11   O11    doub N N 228 
FAG C11   CBA    sing N N 229 
FAG P     O3P    sing N N 230 
FAG O3P   HOP3   sing N N 231 
# 
loop_
_ndb_struct_conf_na.entry_id 
_ndb_struct_conf_na.feature 
2MMF 'b-form double helix'  
2MMF 'mismatched base pair' 
# 
loop_
_ndb_struct_na_base_pair.model_number 
_ndb_struct_na_base_pair.i_label_asym_id 
_ndb_struct_na_base_pair.i_label_comp_id 
_ndb_struct_na_base_pair.i_label_seq_id 
_ndb_struct_na_base_pair.i_symmetry 
_ndb_struct_na_base_pair.j_label_asym_id 
_ndb_struct_na_base_pair.j_label_comp_id 
_ndb_struct_na_base_pair.j_label_seq_id 
_ndb_struct_na_base_pair.j_symmetry 
_ndb_struct_na_base_pair.shear 
_ndb_struct_na_base_pair.stretch 
_ndb_struct_na_base_pair.stagger 
_ndb_struct_na_base_pair.buckle 
_ndb_struct_na_base_pair.propeller 
_ndb_struct_na_base_pair.opening 
_ndb_struct_na_base_pair.pair_number 
_ndb_struct_na_base_pair.pair_name 
_ndb_struct_na_base_pair.i_auth_asym_id 
_ndb_struct_na_base_pair.i_auth_seq_id 
_ndb_struct_na_base_pair.i_PDB_ins_code 
_ndb_struct_na_base_pair.j_auth_asym_id 
_ndb_struct_na_base_pair.j_auth_seq_id 
_ndb_struct_na_base_pair.j_PDB_ins_code 
_ndb_struct_na_base_pair.hbond_type_28 
_ndb_struct_na_base_pair.hbond_type_12 
1 A DC 1  1_555 B DG 10 1_555 0.274  -0.064 0.397  -7.170 -19.280 -1.895  1 A_DC1:DG20_B  A 1  ? B 20 ? 19 1 
1 A DT 2  1_555 B DA 9  1_555 -0.130 0.005  0.315  -8.730 -10.867 -1.541  2 A_DT2:DA19_B  A 2  ? B 19 ? 20 1 
1 A DA 3  1_555 B DT 8  1_555 0.114  0.006  -0.021 -0.241 -3.413  -0.131  3 A_DA3:DT18_B  A 3  ? B 18 ? 20 1 
1 A DA 4  1_555 B DT 7  1_555 0.351  0.042  0.459  9.410  11.308  4.036   4 A_DA4:DT17_B  A 4  ? B 17 ? 20 1 
1 A DA 6  1_555 B DT 5  1_555 0.491  0.181  -0.091 -2.850 -7.107  -10.673 5 A_DA6:DT15_B  A 6  ? B 15 ? 20 1 
1 A DT 7  1_555 B DA 4  1_555 -0.169 0.036  -0.081 6.734  -6.746  -0.527  6 A_DT7:DA14_B  A 7  ? B 14 ? 20 1 
1 A DT 8  1_555 B DA 3  1_555 -0.146 -0.001 -0.204 0.999  -12.802 4.645   7 A_DT8:DA13_B  A 8  ? B 13 ? 20 1 
1 A DC 9  1_555 B DG 2  1_555 0.302  -0.062 0.191  -0.112 -1.270  -1.115  8 A_DC9:DG12_B  A 9  ? B 12 ? 19 1 
1 A DA 10 1_555 B DT 1  1_555 0.102  0.040  0.020  3.872  -13.181 0.109   9 A_DA10:DT11_B A 10 ? B 11 ? 20 1 
# 
loop_
_ndb_struct_na_base_pair_step.model_number 
_ndb_struct_na_base_pair_step.i_label_asym_id_1 
_ndb_struct_na_base_pair_step.i_label_comp_id_1 
_ndb_struct_na_base_pair_step.i_label_seq_id_1 
_ndb_struct_na_base_pair_step.i_symmetry_1 
_ndb_struct_na_base_pair_step.j_label_asym_id_1 
_ndb_struct_na_base_pair_step.j_label_comp_id_1 
_ndb_struct_na_base_pair_step.j_label_seq_id_1 
_ndb_struct_na_base_pair_step.j_symmetry_1 
_ndb_struct_na_base_pair_step.i_label_asym_id_2 
_ndb_struct_na_base_pair_step.i_label_comp_id_2 
_ndb_struct_na_base_pair_step.i_label_seq_id_2 
_ndb_struct_na_base_pair_step.i_symmetry_2 
_ndb_struct_na_base_pair_step.j_label_asym_id_2 
_ndb_struct_na_base_pair_step.j_label_comp_id_2 
_ndb_struct_na_base_pair_step.j_label_seq_id_2 
_ndb_struct_na_base_pair_step.j_symmetry_2 
_ndb_struct_na_base_pair_step.shift 
_ndb_struct_na_base_pair_step.slide 
_ndb_struct_na_base_pair_step.rise 
_ndb_struct_na_base_pair_step.tilt 
_ndb_struct_na_base_pair_step.roll 
_ndb_struct_na_base_pair_step.twist 
_ndb_struct_na_base_pair_step.x_displacement 
_ndb_struct_na_base_pair_step.y_displacement 
_ndb_struct_na_base_pair_step.helical_rise 
_ndb_struct_na_base_pair_step.inclination 
_ndb_struct_na_base_pair_step.tip 
_ndb_struct_na_base_pair_step.helical_twist 
_ndb_struct_na_base_pair_step.step_number 
_ndb_struct_na_base_pair_step.step_name 
_ndb_struct_na_base_pair_step.i_auth_asym_id_1 
_ndb_struct_na_base_pair_step.i_auth_seq_id_1 
_ndb_struct_na_base_pair_step.i_PDB_ins_code_1 
_ndb_struct_na_base_pair_step.j_auth_asym_id_1 
_ndb_struct_na_base_pair_step.j_auth_seq_id_1 
_ndb_struct_na_base_pair_step.j_PDB_ins_code_1 
_ndb_struct_na_base_pair_step.i_auth_asym_id_2 
_ndb_struct_na_base_pair_step.i_auth_seq_id_2 
_ndb_struct_na_base_pair_step.i_PDB_ins_code_2 
_ndb_struct_na_base_pair_step.j_auth_asym_id_2 
_ndb_struct_na_base_pair_step.j_auth_seq_id_2 
_ndb_struct_na_base_pair_step.j_PDB_ins_code_2 
1 A DC 1 1_555 B DG 10 1_555 A DT 2  1_555 B DA 9 1_555 0.011  -0.507 3.299 2.170  2.774  32.877 -1.362 0.349  3.240 4.884  -3.820 
33.060 1 AA_DC1DT2:DA19DG20_BB  A 1 ? B 20 ? A 2  ? B 19 ? 
1 A DT 2 1_555 B DA 9  1_555 A DA 3  1_555 B DT 8 1_555 0.548  1.333  3.118 2.803  -1.330 47.962 1.736  -0.463 3.108 -1.634 -3.444 
48.056 2 AA_DT2DA3:DT18DA19_BB  A 2 ? B 19 ? A 3  ? B 18 ? 
1 A DA 3 1_555 B DT 8  1_555 A DA 4  1_555 B DT 7 1_555 0.502  0.548  3.293 -2.669 6.849  30.164 -0.319 -1.461 3.280 12.920 5.035  
31.027 3 AA_DA3DA4:DT17DT18_BB  A 3 ? B 18 ? A 4  ? B 17 ? 
1 A DA 6 1_555 B DT 5  1_555 A DT 7  1_555 B DA 4 1_555 0.750  -0.569 3.135 1.074  0.188  30.365 -1.121 -1.223 3.156 0.359  -2.049 
30.384 4 AA_DA6DT7:DA14DT15_BB  A 6 ? B 15 ? A 7  ? B 14 ? 
1 A DT 7 1_555 B DA 4  1_555 A DT 8  1_555 B DA 3 1_555 0.215  -0.722 3.426 1.423  -1.849 32.979 -0.940 -0.125 3.466 -3.252 -2.503 
33.060 5 AA_DT7DT8:DA13DA14_BB  A 7 ? B 14 ? A 8  ? B 13 ? 
1 A DT 8 1_555 B DA 3  1_555 A DC 9  1_555 B DG 2 1_555 -0.232 -0.930 3.453 -7.400 0.221  41.409 -1.321 -0.491 3.438 0.310  10.366 
42.037 6 AA_DT8DC9:DG12DA13_BB  A 8 ? B 13 ? A 9  ? B 12 ? 
1 A DC 9 1_555 B DG 2  1_555 A DA 10 1_555 B DT 1 1_555 0.094  -1.256 3.156 2.397  7.606  27.974 -4.034 0.295  2.725 15.344 -4.836 
29.067 7 AA_DC9DA10:DT11DG12_BB A 9 ? B 12 ? A 10 ? B 11 ? 
# 
loop_
_pdbx_nmr_spectrometer.field_strength 
_pdbx_nmr_spectrometer.manufacturer 
_pdbx_nmr_spectrometer.model 
_pdbx_nmr_spectrometer.spectrometer_id 
_pdbx_nmr_spectrometer.type 
800 Bruker AVANCE 1 'Bruker Avance' 
900 Bruker AVANCE 2 'Bruker Avance' 
# 
_atom_sites.entry_id                    2MMF 
_atom_sites.fract_transf_matrix[1][1]   1.000000 
_atom_sites.fract_transf_matrix[1][2]   0.000000 
_atom_sites.fract_transf_matrix[1][3]   0.000000 
_atom_sites.fract_transf_matrix[2][1]   0.000000 
_atom_sites.fract_transf_matrix[2][2]   1.000000 
_atom_sites.fract_transf_matrix[2][3]   0.000000 
_atom_sites.fract_transf_matrix[3][1]   0.000000 
_atom_sites.fract_transf_matrix[3][2]   0.000000 
_atom_sites.fract_transf_matrix[3][3]   1.000000 
_atom_sites.fract_transf_vector[1]      0.00000 
_atom_sites.fract_transf_vector[2]      0.00000 
_atom_sites.fract_transf_vector[3]      0.00000 
# 
loop_
_atom_type.symbol 
C 
H 
N 
O 
P 
# 
loop_
_atom_site.group_PDB 
_atom_site.id 
_atom_site.type_symbol 
_atom_site.label_atom_id 
_atom_site.label_alt_id 
_atom_site.label_comp_id 
_atom_site.label_asym_id 
_atom_site.label_entity_id 
_atom_site.label_seq_id 
_atom_site.pdbx_PDB_ins_code 
_atom_site.Cartn_x 
_atom_site.Cartn_y 
_atom_site.Cartn_z 
_atom_site.occupancy 
_atom_site.B_iso_or_equiv 
_atom_site.pdbx_formal_charge 
_atom_site.auth_seq_id 
_atom_site.auth_comp_id 
_atom_site.auth_asym_id 
_atom_site.auth_atom_id 
_atom_site.pdbx_PDB_model_num 
ATOM   1   O "O5'"  . DC  A 1 1  ? -12.409 -11.332 11.249  1.00 0.00 ? 1  DC  A "O5'"  1 
ATOM   2   C "C5'"  . DC  A 1 1  ? -13.613 -10.847 11.857  1.00 0.00 ? 1  DC  A "C5'"  1 
ATOM   3   C "C4'"  . DC  A 1 1  ? -13.770 -9.327  11.765  1.00 0.00 ? 1  DC  A "C4'"  1 
ATOM   4   O "O4'"  . DC  A 1 1  ? -12.756 -8.693  12.555  1.00 0.00 ? 1  DC  A "O4'"  1 
ATOM   5   C "C3'"  . DC  A 1 1  ? -13.646 -8.805  10.337  1.00 0.00 ? 1  DC  A "C3'"  1 
ATOM   6   O "O3'"  . DC  A 1 1  ? -14.670 -7.835  10.106  1.00 0.00 ? 1  DC  A "O3'"  1 
ATOM   7   C "C2'"  . DC  A 1 1  ? -12.250 -8.191  10.327  1.00 0.00 ? 1  DC  A "C2'"  1 
ATOM   8   C "C1'"  . DC  A 1 1  ? -12.103 -7.722  11.773  1.00 0.00 ? 1  DC  A "C1'"  1 
ATOM   9   N N1     . DC  A 1 1  ? -10.680 -7.551  12.208  1.00 0.00 ? 1  DC  A N1     1 
ATOM   10  C C2     . DC  A 1 1  ? -10.277 -6.331  12.769  1.00 0.00 ? 1  DC  A C2     1 
ATOM   11  O O2     . DC  A 1 1  ? -11.002 -5.347  12.811  1.00 0.00 ? 1  DC  A O2     1 
ATOM   12  N N3     . DC  A 1 1  ? -9.014  -6.180  13.266  1.00 0.00 ? 1  DC  A N3     1 
ATOM   13  C C4     . DC  A 1 1  ? -8.180  -7.210  13.179  1.00 0.00 ? 1  DC  A C4     1 
ATOM   14  N N4     . DC  A 1 1  ? -7.006  -7.023  13.708  1.00 0.00 ? 1  DC  A N4     1 
ATOM   15  C C5     . DC  A 1 1  ? -8.518  -8.465  12.599  1.00 0.00 ? 1  DC  A C5     1 
ATOM   16  C C6     . DC  A 1 1  ? -9.804  -8.607  12.157  1.00 0.00 ? 1  DC  A C6     1 
ATOM   17  H "H5'"  . DC  A 1 1  ? -13.648 -11.139 12.906  1.00 0.00 ? 1  DC  A "H5'"  1 
ATOM   18  H "H5''" . DC  A 1 1  ? -14.462 -11.288 11.333  1.00 0.00 ? 1  DC  A "H5''" 1 
ATOM   19  H "H4'"  . DC  A 1 1  ? -14.741 -9.057  12.182  1.00 0.00 ? 1  DC  A "H4'"  1 
ATOM   20  H "H3'"  . DC  A 1 1  ? -13.720 -9.613  9.610   1.00 0.00 ? 1  DC  A "H3'"  1 
ATOM   21  H "H2'"  . DC  A 1 1  ? -11.544 -8.976  10.056  1.00 0.00 ? 1  DC  A "H2'"  1 
ATOM   22  H "H2''" . DC  A 1 1  ? -12.147 -7.370  9.617   1.00 0.00 ? 1  DC  A "H2''" 1 
ATOM   23  H "H1'"  . DC  A 1 1  ? -12.628 -6.772  11.872  1.00 0.00 ? 1  DC  A "H1'"  1 
ATOM   24  H H41    . DC  A 1 1  ? -6.324  -7.764  13.642  1.00 0.00 ? 1  DC  A H41    1 
ATOM   25  H H42    . DC  A 1 1  ? -6.810  -6.187  14.240  1.00 0.00 ? 1  DC  A H42    1 
ATOM   26  H H5     . DC  A 1 1  ? -7.835  -9.295  12.493  1.00 0.00 ? 1  DC  A H5     1 
ATOM   27  H H6     . DC  A 1 1  ? -10.133 -9.555  11.757  1.00 0.00 ? 1  DC  A H6     1 
ATOM   28  H "HO5'" . DC  A 1 1  ? -12.322 -12.273 11.420  1.00 0.00 ? 1  DC  A "HO5'" 1 
ATOM   29  P P      . DT  A 1 2  ? -14.883 -7.113  8.667   1.00 0.00 ? 2  DT  A P      1 
ATOM   30  O OP1    . DT  A 1 2  ? -16.309 -6.746  8.577   1.00 0.00 ? 2  DT  A OP1    1 
ATOM   31  O OP2    . DT  A 1 2  ? -14.261 -7.935  7.603   1.00 0.00 ? 2  DT  A OP2    1 
ATOM   32  O "O5'"  . DT  A 1 2  ? -14.038 -5.754  8.824   1.00 0.00 ? 2  DT  A "O5'"  1 
ATOM   33  C "C5'"  . DT  A 1 2  ? -14.421 -4.790  9.803   1.00 0.00 ? 2  DT  A "C5'"  1 
ATOM   34  C "C4'"  . DT  A 1 2  ? -13.608 -3.485  9.768   1.00 0.00 ? 2  DT  A "C4'"  1 
ATOM   35  O "O4'"  . DT  A 1 2  ? -12.318 -3.700  10.311  1.00 0.00 ? 2  DT  A "O4'"  1 
ATOM   36  C "C3'"  . DT  A 1 2  ? -13.435 -2.862  8.364   1.00 0.00 ? 2  DT  A "C3'"  1 
ATOM   37  O "O3'"  . DT  A 1 2  ? -13.628 -1.466  8.535   1.00 0.00 ? 2  DT  A "O3'"  1 
ATOM   38  C "C2'"  . DT  A 1 2  ? -11.995 -3.237  8.021   1.00 0.00 ? 2  DT  A "C2'"  1 
ATOM   39  C "C1'"  . DT  A 1 2  ? -11.368 -3.127  9.415   1.00 0.00 ? 2  DT  A "C1'"  1 
ATOM   40  N N1     . DT  A 1 2  ? -10.062 -3.823  9.593   1.00 0.00 ? 2  DT  A N1     1 
ATOM   41  C C2     . DT  A 1 2  ? -9.073  -3.138  10.292  1.00 0.00 ? 2  DT  A C2     1 
ATOM   42  O O2     . DT  A 1 2  ? -9.157  -1.964  10.674  1.00 0.00 ? 2  DT  A O2     1 
ATOM   43  N N3     . DT  A 1 2  ? -7.946  -3.852  10.608  1.00 0.00 ? 2  DT  A N3     1 
ATOM   44  C C4     . DT  A 1 2  ? -7.686  -5.159  10.251  1.00 0.00 ? 2  DT  A C4     1 
ATOM   45  O O4     . DT  A 1 2  ? -6.610  -5.661  10.581  1.00 0.00 ? 2  DT  A O4     1 
ATOM   46  C C5     . DT  A 1 2  ? -8.734  -5.793  9.467   1.00 0.00 ? 2  DT  A C5     1 
ATOM   47  C C7     . DT  A 1 2  ? -8.606  -7.253  9.049   1.00 0.00 ? 2  DT  A C7     1 
ATOM   48  C C6     . DT  A 1 2  ? -9.875  -5.116  9.169   1.00 0.00 ? 2  DT  A C6     1 
ATOM   49  H "H5'"  . DT  A 1 2  ? -14.330 -5.228  10.797  1.00 0.00 ? 2  DT  A "H5'"  1 
ATOM   50  H "H5''" . DT  A 1 2  ? -15.465 -4.522  9.637   1.00 0.00 ? 2  DT  A "H5''" 1 
ATOM   51  H "H4'"  . DT  A 1 2  ? -14.106 -2.755  10.406  1.00 0.00 ? 2  DT  A "H4'"  1 
ATOM   52  H "H3'"  . DT  A 1 2  ? -14.135 -3.273  7.636   1.00 0.00 ? 2  DT  A "H3'"  1 
ATOM   53  H "H2'"  . DT  A 1 2  ? -11.964 -4.251  7.622   1.00 0.00 ? 2  DT  A "H2'"  1 
ATOM   54  H "H2''" . DT  A 1 2  ? -11.527 -2.549  7.317   1.00 0.00 ? 2  DT  A "H2''" 1 
ATOM   55  H "H1'"  . DT  A 1 2  ? -11.274 -2.062  9.630   1.00 0.00 ? 2  DT  A "H1'"  1 
ATOM   56  H H3     . DT  A 1 2  ? -7.232  -3.363  11.129  1.00 0.00 ? 2  DT  A H3     1 
ATOM   57  H H71    . DT  A 1 2  ? -8.311  -7.861  9.904   1.00 0.00 ? 2  DT  A H71    1 
ATOM   58  H H72    . DT  A 1 2  ? -7.844  -7.333  8.273   1.00 0.00 ? 2  DT  A H72    1 
ATOM   59  H H73    . DT  A 1 2  ? -9.557  -7.622  8.664   1.00 0.00 ? 2  DT  A H73    1 
ATOM   60  H H6     . DT  A 1 2  ? -10.658 -5.614  8.616   1.00 0.00 ? 2  DT  A H6     1 
ATOM   61  P P      . DA  A 1 3  ? -13.806 -0.414  7.330   1.00 0.00 ? 3  DA  A P      1 
ATOM   62  O OP1    . DA  A 1 3  ? -15.078 0.302   7.573   1.00 0.00 ? 3  DA  A OP1    1 
ATOM   63  O OP2    . DA  A 1 3  ? -13.615 -1.109  6.028   1.00 0.00 ? 3  DA  A OP2    1 
ATOM   64  O "O5'"  . DA  A 1 3  ? -12.568 0.594   7.527   1.00 0.00 ? 3  DA  A "O5'"  1 
ATOM   65  C "C5'"  . DA  A 1 3  ? -12.486 1.434   8.658   1.00 0.00 ? 3  DA  A "C5'"  1 
ATOM   66  C "C4'"  . DA  A 1 3  ? -11.162 2.247   8.762   1.00 0.00 ? 3  DA  A "C4'"  1 
ATOM   67  O "O4'"  . DA  A 1 3  ? -10.069 1.339   8.909   1.00 0.00 ? 3  DA  A "O4'"  1 
ATOM   68  C "C3'"  . DA  A 1 3  ? -10.877 3.135   7.536   1.00 0.00 ? 3  DA  A "C3'"  1 
ATOM   69  O "O3'"  . DA  A 1 3  ? -10.212 4.328   7.969   1.00 0.00 ? 3  DA  A "O3'"  1 
ATOM   70  C "C2'"  . DA  A 1 3  ? -9.972  2.229   6.695   1.00 0.00 ? 3  DA  A "C2'"  1 
ATOM   71  C "C1'"  . DA  A 1 3  ? -9.212  1.468   7.796   1.00 0.00 ? 3  DA  A "C1'"  1 
ATOM   72  N N9     . DA  A 1 3  ? -8.734  0.130   7.388   1.00 0.00 ? 3  DA  A N9     1 
ATOM   73  C C8     . DA  A 1 3  ? -9.345  -0.799  6.571   1.00 0.00 ? 3  DA  A C8     1 
ATOM   74  N N7     . DA  A 1 3  ? -8.760  -1.972  6.517   1.00 0.00 ? 3  DA  A N7     1 
ATOM   75  C C5     . DA  A 1 3  ? -7.673  -1.787  7.386   1.00 0.00 ? 3  DA  A C5     1 
ATOM   76  C C6     . DA  A 1 3  ? -6.610  -2.606  7.837   1.00 0.00 ? 3  DA  A C6     1 
ATOM   77  N N6     . DA  A 1 3  ? -6.450  -3.868  7.497   1.00 0.00 ? 3  DA  A N6     1 
ATOM   78  N N1     . DA  A 1 3  ? -5.703  -2.125  8.699   1.00 0.00 ? 3  DA  A N1     1 
ATOM   79  C C2     . DA  A 1 3  ? -5.834  -0.873  9.135   1.00 0.00 ? 3  DA  A C2     1 
ATOM   80  N N3     . DA  A 1 3  ? -6.753  0.013   8.788   1.00 0.00 ? 3  DA  A N3     1 
ATOM   81  C C4     . DA  A 1 3  ? -7.647  -0.523  7.903   1.00 0.00 ? 3  DA  A C4     1 
ATOM   82  H "H5'"  . DA  A 1 3  ? -12.557 0.839   9.567   1.00 0.00 ? 3  DA  A "H5'"  1 
ATOM   83  H "H5''" . DA  A 1 3  ? -13.315 2.142   8.700   1.00 0.00 ? 3  DA  A "H5''" 1 
ATOM   84  H "H4'"  . DA  A 1 3  ? -11.215 2.872   9.654   1.00 0.00 ? 3  DA  A "H4'"  1 
ATOM   85  H "H3'"  . DA  A 1 3  ? -11.809 3.365   7.020   1.00 0.00 ? 3  DA  A "H3'"  1 
ATOM   86  H "H2'"  . DA  A 1 3  ? -10.594 1.542   6.120   1.00 0.00 ? 3  DA  A "H2'"  1 
ATOM   87  H "H2''" . DA  A 1 3  ? -9.300  2.775   6.033   1.00 0.00 ? 3  DA  A "H2''" 1 
ATOM   88  H "H1'"  . DA  A 1 3  ? -8.368  2.089   8.093   1.00 0.00 ? 3  DA  A "H1'"  1 
ATOM   89  H H8     . DA  A 1 3  ? -10.263 -0.602  6.039   1.00 0.00 ? 3  DA  A H8     1 
ATOM   90  H H61    . DA  A 1 3  ? -7.119  -4.270  6.856   1.00 0.00 ? 3  DA  A H61    1 
ATOM   91  H H62    . DA  A 1 3  ? -5.670  -4.372  7.894   1.00 0.00 ? 3  DA  A H62    1 
ATOM   92  H H2     . DA  A 1 3  ? -5.112  -0.548  9.870   1.00 0.00 ? 3  DA  A H2     1 
ATOM   93  P P      . DA  A 1 4  ? -9.814  5.513   6.942   1.00 0.00 ? 4  DA  A P      1 
ATOM   94  O OP1    . DA  A 1 4  ? -9.869  6.814   7.672   1.00 0.00 ? 4  DA  A OP1    1 
ATOM   95  O OP2    . DA  A 1 4  ? -10.640 5.373   5.719   1.00 0.00 ? 4  DA  A OP2    1 
ATOM   96  O "O5'"  . DA  A 1 4  ? -8.275  5.191   6.585   1.00 0.00 ? 4  DA  A "O5'"  1 
ATOM   97  C "C5'"  . DA  A 1 4  ? -7.224  5.441   7.516   1.00 0.00 ? 4  DA  A "C5'"  1 
ATOM   98  C "C4'"  . DA  A 1 4  ? -5.804  5.334   6.928   1.00 0.00 ? 4  DA  A "C4'"  1 
ATOM   99  O "O4'"  . DA  A 1 4  ? -5.450  3.971   6.746   1.00 0.00 ? 4  DA  A "O4'"  1 
ATOM   100 C "C3'"  . DA  A 1 4  ? -5.613  6.048   5.589   1.00 0.00 ? 4  DA  A "C3'"  1 
ATOM   101 O "O3'"  . DA  A 1 4  ? -4.299  6.558   5.378   1.00 0.00 ? 4  DA  A "O3'"  1 
ATOM   102 C "C2'"  . DA  A 1 4  ? -5.839  4.909   4.613   1.00 0.00 ? 4  DA  A "C2'"  1 
ATOM   103 C "C1'"  . DA  A 1 4  ? -5.215  3.725   5.362   1.00 0.00 ? 4  DA  A "C1'"  1 
ATOM   104 N N9     . DA  A 1 4  ? -5.745  2.385   5.027   1.00 0.00 ? 4  DA  A N9     1 
ATOM   105 C C8     . DA  A 1 4  ? -6.913  2.024   4.417   1.00 0.00 ? 4  DA  A C8     1 
ATOM   106 N N7     . DA  A 1 4  ? -7.042  0.738   4.187   1.00 0.00 ? 4  DA  A N7     1 
ATOM   107 C C5     . DA  A 1 4  ? -5.862  0.210   4.744   1.00 0.00 ? 4  DA  A C5     1 
ATOM   108 C C6     . DA  A 1 4  ? -5.314  -1.091  4.858   1.00 0.00 ? 4  DA  A C6     1 
ATOM   109 N N6     . DA  A 1 4  ? -5.882  -2.209  4.412   1.00 0.00 ? 4  DA  A N6     1 
ATOM   110 N N1     . DA  A 1 4  ? -4.123  -1.283  5.416   1.00 0.00 ? 4  DA  A N1     1 
ATOM   111 C C2     . DA  A 1 4  ? -3.474  -0.216  5.877   1.00 0.00 ? 4  DA  A C2     1 
ATOM   112 N N3     . DA  A 1 4  ? -3.863  1.051   5.851   1.00 0.00 ? 4  DA  A N3     1 
ATOM   113 C C4     . DA  A 1 4  ? -5.088  1.204   5.261   1.00 0.00 ? 4  DA  A C4     1 
ATOM   114 H "H5'"  . DA  A 1 4  ? -7.321  4.745   8.349   1.00 0.00 ? 4  DA  A "H5'"  1 
ATOM   115 H "H5''" . DA  A 1 4  ? -7.339  6.446   7.919   1.00 0.00 ? 4  DA  A "H5''" 1 
ATOM   116 H "H4'"  . DA  A 1 4  ? -5.114  5.777   7.646   1.00 0.00 ? 4  DA  A "H4'"  1 
ATOM   117 H "H3'"  . DA  A 1 4  ? -6.349  6.835   5.420   1.00 0.00 ? 4  DA  A "H3'"  1 
ATOM   118 H "H2'"  . DA  A 1 4  ? -6.904  4.781   4.416   1.00 0.00 ? 4  DA  A "H2'"  1 
ATOM   119 H "H2''" . DA  A 1 4  ? -5.316  5.112   3.679   1.00 0.00 ? 4  DA  A "H2''" 1 
ATOM   120 H "H1'"  . DA  A 1 4  ? -4.144  3.746   5.161   1.00 0.00 ? 4  DA  A "H1'"  1 
ATOM   121 H H8     . DA  A 1 4  ? -7.625  2.791   4.149   1.00 0.00 ? 4  DA  A H8     1 
ATOM   122 H H61    . DA  A 1 4  ? -6.812  -2.166  4.021   1.00 0.00 ? 4  DA  A H61    1 
ATOM   123 H H62    . DA  A 1 4  ? -5.404  -3.090  4.540   1.00 0.00 ? 4  DA  A H62    1 
ATOM   124 H H2     . DA  A 1 4  ? -2.516  -0.379  6.348   1.00 0.00 ? 4  DA  A H2     1 
HETATM 125 C C3A    . FAG A 1 5  ? -1.449  -1.724  2.783   1.00 0.00 ? 5  FAG A C3A    1 
HETATM 126 C C3     . FAG A 1 5  ? -0.317  -2.399  3.386   1.00 0.00 ? 5  FAG A C3     1 
HETATM 127 C C2A    . FAG A 1 5  ? -0.280  -3.855  3.025   1.00 0.00 ? 5  FAG A C2A    1 
HETATM 128 C C1     . FAG A 1 5  ? -1.523  -4.034  2.200   1.00 0.00 ? 5  FAG A C1     1 
HETATM 129 O O1     . FAG A 1 5  ? -1.854  -5.110  1.727   1.00 0.00 ? 5  FAG A O1     1 
HETATM 130 P P      . FAG A 1 5  ? -3.842  7.993   5.958   1.00 0.00 ? 5  FAG A P      1 
HETATM 131 O O1P    . FAG A 1 5  ? -3.410  7.799   7.363   1.00 0.00 ? 5  FAG A O1P    1 
HETATM 132 O O2P    . FAG A 1 5  ? -4.894  8.978   5.643   1.00 0.00 ? 5  FAG A O2P    1 
HETATM 133 O "O5'"  . FAG A 1 5  ? -2.544  8.273   5.053   1.00 0.00 ? 5  FAG A "O5'"  1 
HETATM 134 C "C5'"  . FAG A 1 5  ? -2.654  8.738   3.711   1.00 0.00 ? 5  FAG A "C5'"  1 
HETATM 135 C "C4'"  . FAG A 1 5  ? -1.441  8.306   2.858   1.00 0.00 ? 5  FAG A "C4'"  1 
HETATM 136 O "O4'"  . FAG A 1 5  ? -1.408  6.883   2.721   1.00 0.00 ? 5  FAG A "O4'"  1 
HETATM 137 C "C1'"  . FAG A 1 5  ? -1.343  6.531   1.359   1.00 0.00 ? 5  FAG A "C1'"  1 
HETATM 138 N N9     . FAG A 1 5  ? -1.765  5.285   0.713   1.00 0.00 ? 5  FAG A N9     1 
HETATM 139 C C4     . FAG A 1 5  ? -1.204  4.091   0.531   1.00 0.00 ? 5  FAG A C4     1 
HETATM 140 N N3     . FAG A 1 5  ? -0.088  3.928   1.240   1.00 0.00 ? 5  FAG A N3     1 
HETATM 141 C C2     . FAG A 1 5  ? 0.438   2.719   1.169   1.00 0.00 ? 5  FAG A C2     1 
HETATM 142 N N2     . FAG A 1 5  ? 1.574   2.500   1.767   1.00 0.00 ? 5  FAG A N2     1 
HETATM 143 N N1     . FAG A 1 5  ? -0.064  1.725   0.439   1.00 0.00 ? 5  FAG A N1     1 
HETATM 144 C C6     . FAG A 1 5  ? -1.173  1.862   -0.317  1.00 0.00 ? 5  FAG A C6     1 
HETATM 145 O O6     . FAG A 1 5  ? -1.557  0.886   -0.969  1.00 0.00 ? 5  FAG A O6     1 
HETATM 146 C C5     . FAG A 1 5  ? -1.793  3.164   -0.268  1.00 0.00 ? 5  FAG A C5     1 
HETATM 147 N N7     . FAG A 1 5  ? -2.924  3.322   -1.007  1.00 0.00 ? 5  FAG A N7     1 
HETATM 148 C C8     . FAG A 1 5  ? -2.562  3.898   -2.228  1.00 0.00 ? 5  FAG A C8     1 
HETATM 149 O O8     . FAG A 1 5  ? -1.793  3.354   -3.035  1.00 0.00 ? 5  FAG A O8     1 
HETATM 150 C "C2'"  . FAG A 1 5  ? -2.016  7.681   0.632   1.00 0.00 ? 5  FAG A "C2'"  1 
HETATM 151 C "C3'"  . FAG A 1 5  ? -1.573  8.896   1.455   1.00 0.00 ? 5  FAG A "C3'"  1 
HETATM 152 O "O3'"  . FAG A 1 5  ? -0.392  9.372   0.802   1.00 0.00 ? 5  FAG A "O3'"  1 
HETATM 153 C C8A    . FAG A 1 5  ? -4.316  3.300   -0.536  1.00 0.00 ? 5  FAG A C8A    1 
HETATM 154 C C9     . FAG A 1 5  ? -4.791  1.848   -0.322  1.00 0.00 ? 5  FAG A C9     1 
HETATM 155 O O9     . FAG A 1 5  ? -6.073  1.623   -0.860  1.00 0.00 ? 5  FAG A O9     1 
HETATM 156 C C9A    . FAG A 1 5  ? -4.873  1.629   1.194   1.00 0.00 ? 5  FAG A C9A    1 
HETATM 157 C C9B    . FAG A 1 5  ? -3.741  1.017   1.899   1.00 0.00 ? 5  FAG A C9B    1 
HETATM 158 O O7     . FAG A 1 5  ? -4.895  3.951   0.580   1.00 0.00 ? 5  FAG A O7     1 
HETATM 159 C C6A    . FAG A 1 5  ? -4.960  3.062   1.668   1.00 0.00 ? 5  FAG A C6A    1 
HETATM 160 O O6A    . FAG A 1 5  ? -3.718  3.298   2.300   1.00 0.00 ? 5  FAG A O6A    1 
HETATM 161 C C5M    . FAG A 1 5  ? -3.162  2.091   2.514   1.00 0.00 ? 5  FAG A C5M    1 
HETATM 162 C C5B    . FAG A 1 5  ? -1.974  1.922   3.213   1.00 0.00 ? 5  FAG A C5B    1 
HETATM 163 C C4B    . FAG A 1 5  ? -1.380  0.668   3.344   1.00 0.00 ? 5  FAG A C4B    1 
HETATM 164 O O4     . FAG A 1 5  ? -0.213  0.593   3.988   1.00 0.00 ? 5  FAG A O4     1 
HETATM 165 C CM     . FAG A 1 5  ? -0.007  0.596   5.399   1.00 0.00 ? 5  FAG A CM     1 
HETATM 166 C C4A    . FAG A 1 5  ? -1.992  -0.439  2.732   1.00 0.00 ? 5  FAG A C4A    1 
HETATM 167 C CAA    . FAG A 1 5  ? -3.161  -0.258  2.024   1.00 0.00 ? 5  FAG A CAA    1 
HETATM 168 O O10    . FAG A 1 5  ? -3.757  -1.267  1.429   1.00 0.00 ? 5  FAG A O10    1 
HETATM 169 C C11    . FAG A 1 5  ? -3.312  -2.499  1.422   1.00 0.00 ? 5  FAG A C11    1 
HETATM 170 O O11    . FAG A 1 5  ? -3.935  -3.362  0.802   1.00 0.00 ? 5  FAG A O11    1 
HETATM 171 C CBA    . FAG A 1 5  ? -2.108  -2.742  2.131   1.00 0.00 ? 5  FAG A CBA    1 
HETATM 172 H H31    . FAG A 1 5  ? -0.369  -2.309  4.471   1.00 0.00 ? 5  FAG A H31    1 
HETATM 173 H H32    . FAG A 1 5  ? 0.607   -1.915  3.065   1.00 0.00 ? 5  FAG A H32    1 
HETATM 174 H H2A1   . FAG A 1 5  ? -0.299  -4.486  3.913   1.00 0.00 ? 5  FAG A H2A1   1 
HETATM 175 H H2A2   . FAG A 1 5  ? 0.584   -4.103  2.409   1.00 0.00 ? 5  FAG A H2A2   1 
HETATM 176 H "H5'1" . FAG A 1 5  ? -2.758  9.822   3.706   1.00 0.00 ? 5  FAG A "H5'1" 1 
HETATM 177 H "H5'2" . FAG A 1 5  ? -3.542  8.330   3.228   1.00 0.00 ? 5  FAG A "H5'2" 1 
HETATM 178 H "H4'"  . FAG A 1 5  ? -0.529  8.662   3.338   1.00 0.00 ? 5  FAG A "H4'"  1 
HETATM 179 H "H1'"  . FAG A 1 5  ? -0.276  6.583   1.142   1.00 0.00 ? 5  FAG A "H1'"  1 
HETATM 180 H HN9    . FAG A 1 5  ? -2.759  5.247   0.541   1.00 0.00 ? 5  FAG A HN9    1 
HETATM 181 H HN21   . FAG A 1 5  ? 2.012   3.247   2.287   1.00 0.00 ? 5  FAG A HN21   1 
HETATM 182 H HN22   . FAG A 1 5  ? 1.990   1.580   1.719   1.00 0.00 ? 5  FAG A HN22   1 
HETATM 183 H H1     . FAG A 1 5  ? 0.431   0.846   0.397   1.00 0.00 ? 5  FAG A H1     1 
HETATM 184 H H8     . FAG A 1 5  ? -3.029  4.842   -2.466  1.00 0.00 ? 5  FAG A H8     1 
HETATM 185 H "H2'1" . FAG A 1 5  ? -3.090  7.506   0.672   1.00 0.00 ? 5  FAG A "H2'1" 1 
HETATM 186 H "H2'2" . FAG A 1 5  ? -1.692  7.728   -0.408  1.00 0.00 ? 5  FAG A "H2'2" 1 
HETATM 187 H "H3'"  . FAG A 1 5  ? -2.312  9.696   1.426   1.00 0.00 ? 5  FAG A "H3'"  1 
HETATM 188 H H8A    . FAG A 1 5  ? -4.855  3.692   -1.398  1.00 0.00 ? 5  FAG A H8A    1 
HETATM 189 H H9     . FAG A 1 5  ? -4.066  1.155   -0.749  1.00 0.00 ? 5  FAG A H9     1 
HETATM 190 H HO9    . FAG A 1 5  ? -6.044  1.672   -1.818  1.00 0.00 ? 5  FAG A HO9    1 
HETATM 191 H H9A    . FAG A 1 5  ? -5.843  1.172   1.391   1.00 0.00 ? 5  FAG A H9A    1 
HETATM 192 H H6A    . FAG A 1 5  ? -5.750  3.297   2.380   1.00 0.00 ? 5  FAG A H6A    1 
HETATM 193 H H5B    . FAG A 1 5  ? -1.511  2.775   3.687   1.00 0.00 ? 5  FAG A H5B    1 
HETATM 194 H HM1    . FAG A 1 5  ? -0.455  -0.295  5.840   1.00 0.00 ? 5  FAG A HM1    1 
HETATM 195 H HM2    . FAG A 1 5  ? -0.488  1.472   5.834   1.00 0.00 ? 5  FAG A HM2    1 
HETATM 196 H HM3    . FAG A 1 5  ? 1.062   0.598   5.608   1.00 0.00 ? 5  FAG A HM3    1 
ATOM   197 P P      . DA  A 1 6  ? 0.533   10.533  1.434   1.00 0.00 ? 6  DA  A P      1 
ATOM   198 O OP1    . DA  A 1 6  ? -0.132  11.107  2.625   1.00 0.00 ? 6  DA  A OP1    1 
ATOM   199 O OP2    . DA  A 1 6  ? 0.978   11.427  0.334   1.00 0.00 ? 6  DA  A OP2    1 
ATOM   200 O "O5'"  . DA  A 1 6  ? 1.809   9.676   1.910   1.00 0.00 ? 6  DA  A "O5'"  1 
ATOM   201 C "C5'"  . DA  A 1 6  ? 2.786   9.268   0.964   1.00 0.00 ? 6  DA  A "C5'"  1 
ATOM   202 C "C4'"  . DA  A 1 6  ? 3.684   8.177   1.564   1.00 0.00 ? 6  DA  A "C4'"  1 
ATOM   203 O "O4'"  . DA  A 1 6  ? 3.083   6.904   1.379   1.00 0.00 ? 6  DA  A "O4'"  1 
ATOM   204 C "C3'"  . DA  A 1 6  ? 5.037   8.154   0.836   1.00 0.00 ? 6  DA  A "C3'"  1 
ATOM   205 O "O3'"  . DA  A 1 6  ? 6.069   7.735   1.725   1.00 0.00 ? 6  DA  A "O3'"  1 
ATOM   206 C "C2'"  . DA  A 1 6  ? 4.803   7.105   -0.249  1.00 0.00 ? 6  DA  A "C2'"  1 
ATOM   207 C "C1'"  . DA  A 1 6  ? 3.837   6.150   0.438   1.00 0.00 ? 6  DA  A "C1'"  1 
ATOM   208 N N9     . DA  A 1 6  ? 2.936   5.458   -0.528  1.00 0.00 ? 6  DA  A N9     1 
ATOM   209 C C8     . DA  A 1 6  ? 1.817   5.958   -1.160  1.00 0.00 ? 6  DA  A C8     1 
ATOM   210 N N7     . DA  A 1 6  ? 1.181   5.110   -1.907  1.00 0.00 ? 6  DA  A N7     1 
ATOM   211 C C5     . DA  A 1 6  ? 1.931   3.942   -1.759  1.00 0.00 ? 6  DA  A C5     1 
ATOM   212 C C6     . DA  A 1 6  ? 1.828   2.616   -2.240  1.00 0.00 ? 6  DA  A C6     1 
ATOM   213 N N6     . DA  A 1 6  ? 0.851   2.187   -3.003  1.00 0.00 ? 6  DA  A N6     1 
ATOM   214 N N1     . DA  A 1 6  ? 2.732   1.681   -1.927  1.00 0.00 ? 6  DA  A N1     1 
ATOM   215 C C2     . DA  A 1 6  ? 3.740   2.042   -1.140  1.00 0.00 ? 6  DA  A C2     1 
ATOM   216 N N3     . DA  A 1 6  ? 3.949   3.229   -0.567  1.00 0.00 ? 6  DA  A N3     1 
ATOM   217 C C4     . DA  A 1 6  ? 3.015   4.140   -0.937  1.00 0.00 ? 6  DA  A C4     1 
ATOM   218 H "H5'"  . DA  A 1 6  ? 3.379   10.140  0.688   1.00 0.00 ? 6  DA  A "H5'"  1 
ATOM   219 H "H5''" . DA  A 1 6  ? 2.329   8.884   0.053   1.00 0.00 ? 6  DA  A "H5''" 1 
ATOM   220 H "H4'"  . DA  A 1 6  ? 3.843   8.354   2.628   1.00 0.00 ? 6  DA  A "H4'"  1 
ATOM   221 H "H3'"  . DA  A 1 6  ? 5.276   9.122   0.396   1.00 0.00 ? 6  DA  A "H3'"  1 
ATOM   222 H "H2'"  . DA  A 1 6  ? 4.361   7.553   -1.139  1.00 0.00 ? 6  DA  A "H2'"  1 
ATOM   223 H "H2''" . DA  A 1 6  ? 5.720   6.581   -0.519  1.00 0.00 ? 6  DA  A "H2''" 1 
ATOM   224 H "H1'"  . DA  A 1 6  ? 4.420   5.395   0.966   1.00 0.00 ? 6  DA  A "H1'"  1 
ATOM   225 H H8     . DA  A 1 6  ? 1.528   6.994   -1.062  1.00 0.00 ? 6  DA  A H8     1 
ATOM   226 H H61    . DA  A 1 6  ? 0.068   2.797   -3.190  1.00 0.00 ? 6  DA  A H61    1 
ATOM   227 H H62    . DA  A 1 6  ? 0.831   1.216   -3.279  1.00 0.00 ? 6  DA  A H62    1 
ATOM   228 H H2     . DA  A 1 6  ? 4.443   1.256   -0.903  1.00 0.00 ? 6  DA  A H2     1 
ATOM   229 P P      . DT  A 1 7  ? 7.620   8.074   1.460   1.00 0.00 ? 7  DT  A P      1 
ATOM   230 O OP1    . DT  A 1 7  ? 8.342   7.837   2.730   1.00 0.00 ? 7  DT  A OP1    1 
ATOM   231 O OP2    . DT  A 1 7  ? 7.739   9.418   0.841   1.00 0.00 ? 7  DT  A OP2    1 
ATOM   232 O "O5'"  . DT  A 1 7  ? 8.107   6.927   0.436   1.00 0.00 ? 7  DT  A "O5'"  1 
ATOM   233 C "C5'"  . DT  A 1 7  ? 8.335   5.594   0.876   1.00 0.00 ? 7  DT  A "C5'"  1 
ATOM   234 C "C4'"  . DT  A 1 7  ? 8.582   4.607   -0.250  1.00 0.00 ? 7  DT  A "C4'"  1 
ATOM   235 O "O4'"  . DT  A 1 7  ? 7.372   4.312   -0.930  1.00 0.00 ? 7  DT  A "O4'"  1 
ATOM   236 C "C3'"  . DT  A 1 7  ? 9.608   5.068   -1.301  1.00 0.00 ? 7  DT  A "C3'"  1 
ATOM   237 O "O3'"  . DT  A 1 7  ? 10.664  4.113   -1.297  1.00 0.00 ? 7  DT  A "O3'"  1 
ATOM   238 C "C2'"  . DT  A 1 7  ? 8.781   5.111   -2.594  1.00 0.00 ? 7  DT  A "C2'"  1 
ATOM   239 C "C1'"  . DT  A 1 7  ? 7.659   4.104   -2.315  1.00 0.00 ? 7  DT  A "C1'"  1 
ATOM   240 N N1     . DT  A 1 7  ? 6.404   4.279   -3.113  1.00 0.00 ? 7  DT  A N1     1 
ATOM   241 C C2     . DT  A 1 7  ? 5.832   3.122   -3.677  1.00 0.00 ? 7  DT  A C2     1 
ATOM   242 O O2     . DT  A 1 7  ? 6.322   1.990   -3.593  1.00 0.00 ? 7  DT  A O2     1 
ATOM   243 N N3     . DT  A 1 7  ? 4.648   3.277   -4.347  1.00 0.00 ? 7  DT  A N3     1 
ATOM   244 C C4     . DT  A 1 7  ? 3.968   4.448   -4.546  1.00 0.00 ? 7  DT  A C4     1 
ATOM   245 O O4     . DT  A 1 7  ? 2.905   4.432   -5.172  1.00 0.00 ? 7  DT  A O4     1 
ATOM   246 C C5     . DT  A 1 7  ? 4.623   5.616   -3.946  1.00 0.00 ? 7  DT  A C5     1 
ATOM   247 C C7     . DT  A 1 7  ? 3.985   6.998   -4.091  1.00 0.00 ? 7  DT  A C7     1 
ATOM   248 C C6     . DT  A 1 7  ? 5.799   5.511   -3.266  1.00 0.00 ? 7  DT  A C6     1 
ATOM   249 H "H5'"  . DT  A 1 7  ? 7.488   5.233   1.461   1.00 0.00 ? 7  DT  A "H5'"  1 
ATOM   250 H "H5''" . DT  A 1 7  ? 9.208   5.592   1.528   1.00 0.00 ? 7  DT  A "H5''" 1 
ATOM   251 H "H4'"  . DT  A 1 7  ? 8.949   3.659   0.142   1.00 0.00 ? 7  DT  A "H4'"  1 
ATOM   252 H "H3'"  . DT  A 1 7  ? 10.029  6.045   -1.058  1.00 0.00 ? 7  DT  A "H3'"  1 
ATOM   253 H "H2'"  . DT  A 1 7  ? 8.386   6.115   -2.744  1.00 0.00 ? 7  DT  A "H2'"  1 
ATOM   254 H "H2''" . DT  A 1 7  ? 9.385   4.818   -3.452  1.00 0.00 ? 7  DT  A "H2''" 1 
ATOM   255 H "H1'"  . DT  A 1 7  ? 8.064   3.099   -2.436  1.00 0.00 ? 7  DT  A "H1'"  1 
ATOM   256 H H3     . DT  A 1 7  ? 4.266   2.445   -4.772  1.00 0.00 ? 7  DT  A H3     1 
ATOM   257 H H71    . DT  A 1 7  ? 4.592   7.778   -3.633  1.00 0.00 ? 7  DT  A H71    1 
ATOM   258 H H72    . DT  A 1 7  ? 2.990   7.012   -3.645  1.00 0.00 ? 7  DT  A H72    1 
ATOM   259 H H73    . DT  A 1 7  ? 3.869   7.209   -5.153  1.00 0.00 ? 7  DT  A H73    1 
ATOM   260 H H6     . DT  A 1 7  ? 6.267   6.383   -2.835  1.00 0.00 ? 7  DT  A H6     1 
ATOM   261 P P      . DT  A 1 8  ? 11.893  4.056   -2.351  1.00 0.00 ? 8  DT  A P      1 
ATOM   262 O OP1    . DT  A 1 8  ? 13.095  3.534   -1.650  1.00 0.00 ? 8  DT  A OP1    1 
ATOM   263 O OP2    . DT  A 1 8  ? 11.994  5.358   -3.060  1.00 0.00 ? 8  DT  A OP2    1 
ATOM   264 O "O5'"  . DT  A 1 8  ? 11.339  2.932   -3.327  1.00 0.00 ? 8  DT  A "O5'"  1 
ATOM   265 C "C5'"  . DT  A 1 8  ? 11.077  1.614   -2.823  1.00 0.00 ? 8  DT  A "C5'"  1 
ATOM   266 C "C4'"  . DT  A 1 8  ? 10.563  0.650   -3.888  1.00 0.00 ? 8  DT  A "C4'"  1 
ATOM   267 O "O4'"  . DT  A 1 8  ? 9.296   1.066   -4.350  1.00 0.00 ? 8  DT  A "O4'"  1 
ATOM   268 C "C3'"  . DT  A 1 8  ? 11.514  0.522   -5.097  1.00 0.00 ? 8  DT  A "C3'"  1 
ATOM   269 O "O3'"  . DT  A 1 8  ? 11.677  -0.879  -5.413  1.00 0.00 ? 8  DT  A "O3'"  1 
ATOM   270 C "C2'"  . DT  A 1 8  ? 10.755  1.313   -6.174  1.00 0.00 ? 8  DT  A "C2'"  1 
ATOM   271 C "C1'"  . DT  A 1 8  ? 9.318   1.023   -5.764  1.00 0.00 ? 8  DT  A "C1'"  1 
ATOM   272 N N1     . DT  A 1 8  ? 8.315   2.021   -6.266  1.00 0.00 ? 8  DT  A N1     1 
ATOM   273 C C2     . DT  A 1 8  ? 7.222   1.524   -6.994  1.00 0.00 ? 8  DT  A C2     1 
ATOM   274 O O2     . DT  A 1 8  ? 7.061   0.343   -7.266  1.00 0.00 ? 8  DT  A O2     1 
ATOM   275 N N3     . DT  A 1 8  ? 6.307   2.446   -7.442  1.00 0.00 ? 8  DT  A N3     1 
ATOM   276 C C4     . DT  A 1 8  ? 6.381   3.802   -7.291  1.00 0.00 ? 8  DT  A C4     1 
ATOM   277 O O4     . DT  A 1 8  ? 5.504   4.489   -7.801  1.00 0.00 ? 8  DT  A O4     1 
ATOM   278 C C5     . DT  A 1 8  ? 7.526   4.268   -6.520  1.00 0.00 ? 8  DT  A C5     1 
ATOM   279 C C7     . DT  A 1 8  ? 7.731   5.757   -6.272  1.00 0.00 ? 8  DT  A C7     1 
ATOM   280 C C6     . DT  A 1 8  ? 8.445   3.375   -6.039  1.00 0.00 ? 8  DT  A C6     1 
ATOM   281 H "H5'"  . DT  A 1 8  ? 10.329  1.661   -2.031  1.00 0.00 ? 8  DT  A "H5'"  1 
ATOM   282 H "H5''" . DT  A 1 8  ? 11.978  1.187   -2.382  1.00 0.00 ? 8  DT  A "H5''" 1 
ATOM   283 H "H4'"  . DT  A 1 8  ? 10.452  -0.333  -3.429  1.00 0.00 ? 8  DT  A "H4'"  1 
ATOM   284 H "H3'"  . DT  A 1 8  ? 12.488  0.946   -4.857  1.00 0.00 ? 8  DT  A "H3'"  1 
ATOM   285 H "H2'"  . DT  A 1 8  ? 10.985  2.378   -6.136  1.00 0.00 ? 8  DT  A "H2'"  1 
ATOM   286 H "H2''" . DT  A 1 8  ? 10.981  0.905   -7.159  1.00 0.00 ? 8  DT  A "H2''" 1 
ATOM   287 H "H1'"  . DT  A 1 8  ? 9.081   0.019   -6.118  1.00 0.00 ? 8  DT  A "H1'"  1 
ATOM   288 H H3     . DT  A 1 8  ? 5.535   2.095   -7.992  1.00 0.00 ? 8  DT  A H3     1 
ATOM   289 H H71    . DT  A 1 8  ? 7.905   6.259   -7.223  1.00 0.00 ? 8  DT  A H71    1 
ATOM   290 H H72    . DT  A 1 8  ? 8.580   5.957   -5.619  1.00 0.00 ? 8  DT  A H72    1 
ATOM   291 H H73    . DT  A 1 8  ? 6.832   6.167   -5.810  1.00 0.00 ? 8  DT  A H73    1 
ATOM   292 H H6     . DT  A 1 8  ? 9.290   3.703   -5.452  1.00 0.00 ? 8  DT  A H6     1 
ATOM   293 P P      . DC  A 1 9  ? 12.645  -1.424  -6.556  1.00 0.00 ? 9  DC  A P      1 
ATOM   294 O OP1    . DC  A 1 9  ? 13.233  -2.694  -6.070  1.00 0.00 ? 9  DC  A OP1    1 
ATOM   295 O OP2    . DC  A 1 9  ? 13.545  -0.346  -7.009  1.00 0.00 ? 9  DC  A OP2    1 
ATOM   296 O "O5'"  . DC  A 1 9  ? 11.613  -1.774  -7.753  1.00 0.00 ? 9  DC  A "O5'"  1 
ATOM   297 C "C5'"  . DC  A 1 9  ? 10.711  -2.883  -7.647  1.00 0.00 ? 9  DC  A "C5'"  1 
ATOM   298 C "C4'"  . DC  A 1 9  ? 9.870   -3.138  -8.920  1.00 0.00 ? 9  DC  A "C4'"  1 
ATOM   299 O "O4'"  . DC  A 1 9  ? 8.924   -2.099  -9.100  1.00 0.00 ? 9  DC  A "O4'"  1 
ATOM   300 C "C3'"  . DC  A 1 9  ? 10.759  -3.262  -10.184 1.00 0.00 ? 9  DC  A "C3'"  1 
ATOM   301 O "O3'"  . DC  A 1 9  ? 10.299  -4.350  -10.998 1.00 0.00 ? 9  DC  A "O3'"  1 
ATOM   302 C "C2'"  . DC  A 1 9  ? 10.505  -1.888  -10.801 1.00 0.00 ? 9  DC  A "C2'"  1 
ATOM   303 C "C1'"  . DC  A 1 9  ? 9.052   -1.615  -10.434 1.00 0.00 ? 9  DC  A "C1'"  1 
ATOM   304 N N1     . DC  A 1 9  ? 8.709   -0.176  -10.462 1.00 0.00 ? 9  DC  A N1     1 
ATOM   305 C C2     . DC  A 1 9  ? 7.597   0.255   -11.212 1.00 0.00 ? 9  DC  A C2     1 
ATOM   306 O O2     . DC  A 1 9  ? 6.895   -0.504  -11.883 1.00 0.00 ? 9  DC  A O2     1 
ATOM   307 N N3     . DC  A 1 9  ? 7.221   1.554   -11.197 1.00 0.00 ? 9  DC  A N3     1 
ATOM   308 C C4     . DC  A 1 9  ? 7.925   2.413   -10.486 1.00 0.00 ? 9  DC  A C4     1 
ATOM   309 N N4     . DC  A 1 9  ? 7.519   3.649   -10.488 1.00 0.00 ? 9  DC  A N4     1 
ATOM   310 C C5     . DC  A 1 9  ? 9.040   2.044   -9.682  1.00 0.00 ? 9  DC  A C5     1 
ATOM   311 C C6     . DC  A 1 9  ? 9.410   0.736   -9.711  1.00 0.00 ? 9  DC  A C6     1 
ATOM   312 H "H5'"  . DC  A 1 9  ? 10.025  -2.718  -6.817  1.00 0.00 ? 9  DC  A "H5'"  1 
ATOM   313 H "H5''" . DC  A 1 9  ? 11.288  -3.783  -7.433  1.00 0.00 ? 9  DC  A "H5''" 1 
ATOM   314 H "H4'"  . DC  A 1 9  ? 9.305   -4.062  -8.790  1.00 0.00 ? 9  DC  A "H4'"  1 
ATOM   315 H "H3'"  . DC  A 1 9  ? 11.801  -3.381  -9.886  1.00 0.00 ? 9  DC  A "H3'"  1 
ATOM   316 H "H2'"  . DC  A 1 9  ? 11.190  -1.161  -10.363 1.00 0.00 ? 9  DC  A "H2'"  1 
ATOM   317 H "H2''" . DC  A 1 9  ? 10.654  -1.900  -11.880 1.00 0.00 ? 9  DC  A "H2''" 1 
ATOM   318 H "H1'"  . DC  A 1 9  ? 8.418   -2.159  -11.134 1.00 0.00 ? 9  DC  A "H1'"  1 
ATOM   319 H H41    . DC  A 1 9  ? 8.036   4.317   -9.934  1.00 0.00 ? 9  DC  A H41    1 
ATOM   320 H H42    . DC  A 1 9  ? 6.710   3.879   -11.047 1.00 0.00 ? 9  DC  A H42    1 
ATOM   321 H H5     . DC  A 1 9  ? 9.569   2.737   -9.046  1.00 0.00 ? 9  DC  A H5     1 
ATOM   322 H H6     . DC  A 1 9  ? 10.248  0.378   -9.132  1.00 0.00 ? 9  DC  A H6     1 
ATOM   323 P P      . DA  A 1 10 ? 11.093  -4.842  -12.296 1.00 0.00 ? 10 DA  A P      1 
ATOM   324 O OP1    . DA  A 1 10 ? 10.826  -6.287  -12.474 1.00 0.00 ? 10 DA  A OP1    1 
ATOM   325 O OP2    . DA  A 1 10 ? 12.502  -4.365  -12.228 1.00 0.00 ? 10 DA  A OP2    1 
ATOM   326 O "O5'"  . DA  A 1 10 ? 10.332  -4.043  -13.468 1.00 0.00 ? 10 DA  A "O5'"  1 
ATOM   327 C "C5'"  . DA  A 1 10 ? 9.005   -4.379  -13.855 1.00 0.00 ? 10 DA  A "C5'"  1 
ATOM   328 C "C4'"  . DA  A 1 10 ? 8.394   -3.449  -14.911 1.00 0.00 ? 10 DA  A "C4'"  1 
ATOM   329 O "O4'"  . DA  A 1 10 ? 8.208   -2.137  -14.374 1.00 0.00 ? 10 DA  A "O4'"  1 
ATOM   330 C "C3'"  . DA  A 1 10 ? 9.274   -3.294  -16.179 1.00 0.00 ? 10 DA  A "C3'"  1 
ATOM   331 O "O3'"  . DA  A 1 10 ? 8.518   -3.583  -17.355 1.00 0.00 ? 10 DA  A "O3'"  1 
ATOM   332 C "C2'"  . DA  A 1 10 ? 9.649   -1.824  -16.156 1.00 0.00 ? 10 DA  A "C2'"  1 
ATOM   333 C "C1'"  . DA  A 1 10 ? 8.452   -1.217  -15.425 1.00 0.00 ? 10 DA  A "C1'"  1 
ATOM   334 N N9     . DA  A 1 10 ? 8.686   0.162   -14.896 1.00 0.00 ? 10 DA  A N9     1 
ATOM   335 C C8     . DA  A 1 10 ? 9.693   0.629   -14.084 1.00 0.00 ? 10 DA  A C8     1 
ATOM   336 N N7     . DA  A 1 10 ? 9.592   1.907   -13.774 1.00 0.00 ? 10 DA  A N7     1 
ATOM   337 C C5     . DA  A 1 10 ? 8.402   2.274   -14.408 1.00 0.00 ? 10 DA  A C5     1 
ATOM   338 C C6     . DA  A 1 10 ? 7.652   3.474   -14.478 1.00 0.00 ? 10 DA  A C6     1 
ATOM   339 N N6     . DA  A 1 10 ? 7.991   4.644   -13.932 1.00 0.00 ? 10 DA  A N6     1 
ATOM   340 N N1     . DA  A 1 10 ? 6.535   3.566   -15.206 1.00 0.00 ? 10 DA  A N1     1 
ATOM   341 C C2     . DA  A 1 10 ? 6.152   2.475   -15.891 1.00 0.00 ? 10 DA  A C2     1 
ATOM   342 N N3     . DA  A 1 10 ? 6.741   1.290   -15.904 1.00 0.00 ? 10 DA  A N3     1 
ATOM   343 C C4     . DA  A 1 10 ? 7.860   1.243   -15.115 1.00 0.00 ? 10 DA  A C4     1 
ATOM   344 H "H5'"  . DA  A 1 10 ? 8.347   -4.360  -12.986 1.00 0.00 ? 10 DA  A "H5'"  1 
ATOM   345 H "H5''" . DA  A 1 10 ? 8.969   -5.386  -14.272 1.00 0.00 ? 10 DA  A "H5''" 1 
ATOM   346 H "H4'"  . DA  A 1 10 ? 7.427   -3.877  -15.178 1.00 0.00 ? 10 DA  A "H4'"  1 
ATOM   347 H "H3'"  . DA  A 1 10 ? 10.187  -3.889  -16.137 1.00 0.00 ? 10 DA  A "H3'"  1 
ATOM   348 H "HO3'" . DA  A 1 10 ? 8.422   -4.532  -17.461 1.00 0.00 ? 10 DA  A "HO3'" 1 
ATOM   349 H "H2'"  . DA  A 1 10 ? 10.592  -1.685  -15.627 1.00 0.00 ? 10 DA  A "H2'"  1 
ATOM   350 H "H2''" . DA  A 1 10 ? 9.734   -1.414  -17.163 1.00 0.00 ? 10 DA  A "H2''" 1 
ATOM   351 H "H1'"  . DA  A 1 10 ? 7.572   -1.220  -16.068 1.00 0.00 ? 10 DA  A "H1'"  1 
ATOM   352 H H8     . DA  A 1 10 ? 10.510  -0.015  -13.795 1.00 0.00 ? 10 DA  A H8     1 
ATOM   353 H H61    . DA  A 1 10 ? 8.800   4.703   -13.332 1.00 0.00 ? 10 DA  A H61    1 
ATOM   354 H H62    . DA  A 1 10 ? 7.308   5.386   -13.987 1.00 0.00 ? 10 DA  A H62    1 
ATOM   355 H H2     . DA  A 1 10 ? 5.231   2.556   -16.450 1.00 0.00 ? 10 DA  A H2     1 
ATOM   356 O "O5'"  . DT  B 2 1  ? 2.625   11.057  -19.911 1.00 0.00 ? 11 DT  B "O5'"  1 
ATOM   357 C "C5'"  . DT  B 2 1  ? 1.597   10.333  -19.220 1.00 0.00 ? 11 DT  B "C5'"  1 
ATOM   358 C "C4'"  . DT  B 2 1  ? 1.599   8.834   -19.579 1.00 0.00 ? 11 DT  B "C4'"  1 
ATOM   359 O "O4'"  . DT  B 2 1  ? 2.766   8.248   -18.995 1.00 0.00 ? 11 DT  B "O4'"  1 
ATOM   360 C "C3'"  . DT  B 2 1  ? 0.379   8.119   -19.011 1.00 0.00 ? 11 DT  B "C3'"  1 
ATOM   361 O "O3'"  . DT  B 2 1  ? 0.030   7.093   -19.925 1.00 0.00 ? 11 DT  B "O3'"  1 
ATOM   362 C "C2'"  . DT  B 2 1  ? 0.924   7.582   -17.685 1.00 0.00 ? 11 DT  B "C2'"  1 
ATOM   363 C "C1'"  . DT  B 2 1  ? 2.376   7.254   -18.068 1.00 0.00 ? 11 DT  B "C1'"  1 
ATOM   364 N N1     . DT  B 2 1  ? 3.335   7.204   -16.926 1.00 0.00 ? 11 DT  B N1     1 
ATOM   365 C C2     . DT  B 2 1  ? 4.073   6.025   -16.728 1.00 0.00 ? 11 DT  B C2     1 
ATOM   366 O O2     . DT  B 2 1  ? 3.956   5.009   -17.405 1.00 0.00 ? 11 DT  B O2     1 
ATOM   367 N N3     . DT  B 2 1  ? 4.994   6.038   -15.680 1.00 0.00 ? 11 DT  B N3     1 
ATOM   368 C C4     . DT  B 2 1  ? 5.284   7.094   -14.853 1.00 0.00 ? 11 DT  B C4     1 
ATOM   369 O O4     . DT  B 2 1  ? 6.203   6.997   -14.031 1.00 0.00 ? 11 DT  B O4     1 
ATOM   370 C C5     . DT  B 2 1  ? 4.426   8.271   -15.075 1.00 0.00 ? 11 DT  B C5     1 
ATOM   371 C C7     . DT  B 2 1  ? 4.624   9.513   -14.207 1.00 0.00 ? 11 DT  B C7     1 
ATOM   372 C C6     . DT  B 2 1  ? 3.514   8.295   -16.090 1.00 0.00 ? 11 DT  B C6     1 
ATOM   373 H "H5'"  . DT  B 2 1  ? 0.639   10.772  -19.498 1.00 0.00 ? 11 DT  B "H5'"  1 
ATOM   374 H "H5''" . DT  B 2 1  ? 1.708   10.444  -18.141 1.00 0.00 ? 11 DT  B "H5''" 1 
ATOM   375 H "H4'"  . DT  B 2 1  ? 1.594   8.688   -20.660 1.00 0.00 ? 11 DT  B "H4'"  1 
ATOM   376 H "H3'"  . DT  B 2 1  ? -0.448  8.814   -18.867 1.00 0.00 ? 11 DT  B "H3'"  1 
ATOM   377 H "H2'"  . DT  B 2 1  ? 0.871   8.352   -16.915 1.00 0.00 ? 11 DT  B "H2'"  1 
ATOM   378 H "H2''" . DT  B 2 1  ? 0.389   6.697   -17.343 1.00 0.00 ? 11 DT  B "H2''" 1 
ATOM   379 H "H1'"  . DT  B 2 1  ? 2.338   6.291   -18.577 1.00 0.00 ? 11 DT  B "H1'"  1 
ATOM   380 H H3     . DT  B 2 1  ? 5.515   5.186   -15.528 1.00 0.00 ? 11 DT  B H3     1 
ATOM   381 H H71    . DT  B 2 1  ? 4.466   9.246   -13.163 1.00 0.00 ? 11 DT  B H71    1 
ATOM   382 H H72    . DT  B 2 1  ? 3.946   10.322  -14.482 1.00 0.00 ? 11 DT  B H72    1 
ATOM   383 H H73    . DT  B 2 1  ? 5.648   9.882   -14.269 1.00 0.00 ? 11 DT  B H73    1 
ATOM   384 H H6     . DT  B 2 1  ? 2.961   9.199   -16.296 1.00 0.00 ? 11 DT  B H6     1 
ATOM   385 H "HO5'" . DT  B 2 1  ? 3.483   10.688  -19.687 1.00 0.00 ? 11 DT  B "HO5'" 1 
ATOM   386 P P      . DG  B 2 2  ? -1.281  6.180   -19.774 1.00 0.00 ? 12 DG  B P      1 
ATOM   387 O OP1    . DG  B 2 2  ? -1.706  5.765   -21.135 1.00 0.00 ? 12 DG  B OP1    1 
ATOM   388 O OP2    . DG  B 2 2  ? -2.254  6.858   -18.881 1.00 0.00 ? 12 DG  B OP2    1 
ATOM   389 O "O5'"  . DG  B 2 2  ? -0.703  4.881   -19.039 1.00 0.00 ? 12 DG  B "O5'"  1 
ATOM   390 C "C5'"  . DG  B 2 2  ? -1.385  4.235   -17.997 1.00 0.00 ? 12 DG  B "C5'"  1 
ATOM   391 C "C4'"  . DG  B 2 2  ? -0.695  2.917   -17.620 1.00 0.00 ? 12 DG  B "C4'"  1 
ATOM   392 O "O4'"  . DG  B 2 2  ? 0.603   3.201   -17.096 1.00 0.00 ? 12 DG  B "O4'"  1 
ATOM   393 C "C3'"  . DG  B 2 2  ? -1.478  2.192   -16.505 1.00 0.00 ? 12 DG  B "C3'"  1 
ATOM   394 O "O3'"  . DG  B 2 2  ? -1.384  0.789   -16.679 1.00 0.00 ? 12 DG  B "O3'"  1 
ATOM   395 C "C2'"  . DG  B 2 2  ? -0.763  2.720   -15.266 1.00 0.00 ? 12 DG  B "C2'"  1 
ATOM   396 C "C1'"  . DG  B 2 2  ? 0.674   2.649   -15.778 1.00 0.00 ? 12 DG  B "C1'"  1 
ATOM   397 N N9     . DG  B 2 2  ? 1.618   3.371   -14.897 1.00 0.00 ? 12 DG  B N9     1 
ATOM   398 C C8     . DG  B 2 2  ? 1.613   4.691   -14.531 1.00 0.00 ? 12 DG  B C8     1 
ATOM   399 N N7     . DG  B 2 2  ? 2.557   5.044   -13.711 1.00 0.00 ? 12 DG  B N7     1 
ATOM   400 C C5     . DG  B 2 2  ? 3.249   3.838   -13.505 1.00 0.00 ? 12 DG  B C5     1 
ATOM   401 C C6     . DG  B 2 2  ? 4.403   3.511   -12.703 1.00 0.00 ? 12 DG  B C6     1 
ATOM   402 O O6     . DG  B 2 2  ? 5.098   4.234   -12.004 1.00 0.00 ? 12 DG  B O6     1 
ATOM   403 N N1     . DG  B 2 2  ? 4.752   2.179   -12.720 1.00 0.00 ? 12 DG  B N1     1 
ATOM   404 C C2     . DG  B 2 2  ? 4.092   1.237   -13.476 1.00 0.00 ? 12 DG  B C2     1 
ATOM   405 N N2     . DG  B 2 2  ? 4.516   0.009   -13.413 1.00 0.00 ? 12 DG  B N2     1 
ATOM   406 N N3     . DG  B 2 2  ? 3.056   1.498   -14.262 1.00 0.00 ? 12 DG  B N3     1 
ATOM   407 C C4     . DG  B 2 2  ? 2.667   2.812   -14.221 1.00 0.00 ? 12 DG  B C4     1 
ATOM   408 H "H5'"  . DG  B 2 2  ? -2.394  3.988   -18.324 1.00 0.00 ? 12 DG  B "H5'"  1 
ATOM   409 H "H5''" . DG  B 2 2  ? -1.442  4.876   -17.118 1.00 0.00 ? 12 DG  B "H5''" 1 
ATOM   410 H "H4'"  . DG  B 2 2  ? -0.607  2.298   -18.513 1.00 0.00 ? 12 DG  B "H4'"  1 
ATOM   411 H "H3'"  . DG  B 2 2  ? -2.521  2.509   -16.525 1.00 0.00 ? 12 DG  B "H3'"  1 
ATOM   412 H "H2'"  . DG  B 2 2  ? -1.043  3.763   -15.118 1.00 0.00 ? 12 DG  B "H2'"  1 
ATOM   413 H "H2''" . DG  B 2 2  ? -0.926  2.132   -14.364 1.00 0.00 ? 12 DG  B "H2''" 1 
ATOM   414 H "H1'"  . DG  B 2 2  ? 0.973   1.602   -15.826 1.00 0.00 ? 12 DG  B "H1'"  1 
ATOM   415 H H8     . DG  B 2 2  ? 0.872   5.379   -14.910 1.00 0.00 ? 12 DG  B H8     1 
ATOM   416 H H1     . DG  B 2 2  ? 5.525   1.892   -12.136 1.00 0.00 ? 12 DG  B H1     1 
ATOM   417 H H21    . DG  B 2 2  ? 4.004   -0.731  -13.872 1.00 0.00 ? 12 DG  B H21    1 
ATOM   418 H H22    . DG  B 2 2  ? 5.319   -0.207  -12.840 1.00 0.00 ? 12 DG  B H22    1 
ATOM   419 P P      . DA  B 2 3  ? -2.123  -0.303  -15.733 1.00 0.00 ? 13 DA  B P      1 
ATOM   420 O OP1    . DA  B 2 3  ? -2.521  -1.436  -16.608 1.00 0.00 ? 13 DA  B OP1    1 
ATOM   421 O OP2    . DA  B 2 3  ? -3.166  0.370   -14.915 1.00 0.00 ? 13 DA  B OP2    1 
ATOM   422 O "O5'"  . DA  B 2 3  ? -0.927  -0.808  -14.759 1.00 0.00 ? 13 DA  B "O5'"  1 
ATOM   423 C "C5'"  . DA  B 2 3  ? 0.188   -1.532  -15.274 1.00 0.00 ? 13 DA  B "C5'"  1 
ATOM   424 C "C4'"  . DA  B 2 3  ? 0.973   -2.373  -14.263 1.00 0.00 ? 13 DA  B "C4'"  1 
ATOM   425 O "O4'"  . DA  B 2 3  ? 1.784   -1.559  -13.440 1.00 0.00 ? 13 DA  B "O4'"  1 
ATOM   426 C "C3'"  . DA  B 2 3  ? 0.142   -3.270  -13.323 1.00 0.00 ? 13 DA  B "C3'"  1 
ATOM   427 O "O3'"  . DA  B 2 3  ? 0.809   -4.503  -13.069 1.00 0.00 ? 13 DA  B "O3'"  1 
ATOM   428 C "C2'"  . DA  B 2 3  ? 0.042   -2.353  -12.112 1.00 0.00 ? 13 DA  B "C2'"  1 
ATOM   429 C "C1'"  . DA  B 2 3  ? 1.399   -1.673  -12.083 1.00 0.00 ? 13 DA  B "C1'"  1 
ATOM   430 N N9     . DA  B 2 3  ? 1.446   -0.334  -11.469 1.00 0.00 ? 13 DA  B N9     1 
ATOM   431 C C8     . DA  B 2 3  ? 0.539   0.701   -11.550 1.00 0.00 ? 13 DA  B C8     1 
ATOM   432 N N7     . DA  B 2 3  ? 0.917   1.810   -10.950 1.00 0.00 ? 13 DA  B N7     1 
ATOM   433 C C5     . DA  B 2 3  ? 2.147   1.456   -10.401 1.00 0.00 ? 13 DA  B C5     1 
ATOM   434 C C6     . DA  B 2 3  ? 3.154   2.137   -9.651  1.00 0.00 ? 13 DA  B C6     1 
ATOM   435 N N6     . DA  B 2 3  ? 3.129   3.412   -9.293  1.00 0.00 ? 13 DA  B N6     1 
ATOM   436 N N1     . DA  B 2 3  ? 4.246   1.505   -9.230  1.00 0.00 ? 13 DA  B N1     1 
ATOM   437 C C2     . DA  B 2 3  ? 4.416   0.239   -9.591  1.00 0.00 ? 13 DA  B C2     1 
ATOM   438 N N3     . DA  B 2 3  ? 3.596   -0.514  -10.320 1.00 0.00 ? 13 DA  B N3     1 
ATOM   439 C C4     . DA  B 2 3  ? 2.478   0.156   -10.691 1.00 0.00 ? 13 DA  B C4     1 
ATOM   440 H "H5'"  . DA  B 2 3  ? 0.885   -0.844  -15.753 1.00 0.00 ? 13 DA  B "H5'"  1 
ATOM   441 H "H5''" . DA  B 2 3  ? -0.157  -2.242  -16.025 1.00 0.00 ? 13 DA  B "H5''" 1 
ATOM   442 H "H4'"  . DA  B 2 3  ? 1.623   -3.033  -14.837 1.00 0.00 ? 13 DA  B "H4'"  1 
ATOM   443 H "H3'"  . DA  B 2 3  ? -0.840  -3.476  -13.750 1.00 0.00 ? 13 DA  B "H3'"  1 
ATOM   444 H "H2'"  . DA  B 2 3  ? -0.759  -1.635  -12.283 1.00 0.00 ? 13 DA  B "H2'"  1 
ATOM   445 H "H2''" . DA  B 2 3  ? -0.110  -2.904  -11.184 1.00 0.00 ? 13 DA  B "H2''" 1 
ATOM   446 H "H1'"  . DA  B 2 3  ? 2.077   -2.323  -11.530 1.00 0.00 ? 13 DA  B "H1'"  1 
ATOM   447 H H8     . DA  B 2 3  ? -0.385  0.588   -12.100 1.00 0.00 ? 13 DA  B H8     1 
ATOM   448 H H61    . DA  B 2 3  ? 2.334   3.984   -9.534  1.00 0.00 ? 13 DA  B H61    1 
ATOM   449 H H62    . DA  B 2 3  ? 3.937   3.796   -8.822  1.00 0.00 ? 13 DA  B H62    1 
ATOM   450 H H2     . DA  B 2 3  ? 5.319   -0.244  -9.247  1.00 0.00 ? 13 DA  B H2     1 
ATOM   451 P P      . DA  B 2 4  ? 0.277   -5.658  -12.064 1.00 0.00 ? 14 DA  B P      1 
ATOM   452 O OP1    . DA  B 2 4  ? 0.690   -6.974  -12.629 1.00 0.00 ? 14 DA  B OP1    1 
ATOM   453 O OP2    . DA  B 2 4  ? -1.148  -5.428  -11.715 1.00 0.00 ? 14 DA  B OP2    1 
ATOM   454 O "O5'"  . DA  B 2 4  ? 1.202   -5.395  -10.761 1.00 0.00 ? 14 DA  B "O5'"  1 
ATOM   455 C "C5'"  . DA  B 2 4  ? 2.613   -5.575  -10.805 1.00 0.00 ? 14 DA  B "C5'"  1 
ATOM   456 C "C4'"  . DA  B 2 4  ? 3.270   -5.232  -9.467  1.00 0.00 ? 14 DA  B "C4'"  1 
ATOM   457 O "O4'"  . DA  B 2 4  ? 3.217   -3.822  -9.205  1.00 0.00 ? 14 DA  B "O4'"  1 
ATOM   458 C "C3'"  . DA  B 2 4  ? 2.617   -5.949  -8.256  1.00 0.00 ? 14 DA  B "C3'"  1 
ATOM   459 O "O3'"  . DA  B 2 4  ? 3.574   -6.369  -7.290  1.00 0.00 ? 14 DA  B "O3'"  1 
ATOM   460 C "C2'"  . DA  B 2 4  ? 1.818   -4.816  -7.614  1.00 0.00 ? 14 DA  B "C2'"  1 
ATOM   461 C "C1'"  . DA  B 2 4  ? 2.811   -3.666  -7.860  1.00 0.00 ? 14 DA  B "C1'"  1 
ATOM   462 N N9     . DA  B 2 4  ? 2.228   -2.314  -7.711  1.00 0.00 ? 14 DA  B N9     1 
ATOM   463 C C8     . DA  B 2 4  ? 1.028   -1.832  -8.176  1.00 0.00 ? 14 DA  B C8     1 
ATOM   464 N N7     . DA  B 2 4  ? 0.782   -0.586  -7.855  1.00 0.00 ? 14 DA  B N7     1 
ATOM   465 C C5     . DA  B 2 4  ? 1.904   -0.244  -7.090  1.00 0.00 ? 14 DA  B C5     1 
ATOM   466 C C6     . DA  B 2 4  ? 2.318   0.927   -6.377  1.00 0.00 ? 14 DA  B C6     1 
ATOM   467 N N6     . DA  B 2 4  ? 1.675   2.080   -6.366  1.00 0.00 ? 14 DA  B N6     1 
ATOM   468 N N1     . DA  B 2 4  ? 3.494   0.947   -5.728  1.00 0.00 ? 14 DA  B N1     1 
ATOM   469 C C2     . DA  B 2 4  ? 4.230   -0.160  -5.717  1.00 0.00 ? 14 DA  B C2     1 
ATOM   470 N N3     . DA  B 2 4  ? 3.953   -1.330  -6.284  1.00 0.00 ? 14 DA  B N3     1 
ATOM   471 C C4     . DA  B 2 4  ? 2.771   -1.307  -6.966  1.00 0.00 ? 14 DA  B C4     1 
ATOM   472 H "H5'"  . DA  B 2 4  ? 3.053   -4.917  -11.555 1.00 0.00 ? 14 DA  B "H5'"  1 
ATOM   473 H "H5''" . DA  B 2 4  ? 2.820   -6.611  -11.072 1.00 0.00 ? 14 DA  B "H5''" 1 
ATOM   474 H "H4'"  . DA  B 2 4  ? 4.325   -5.492  -9.551  1.00 0.00 ? 14 DA  B "H4'"  1 
ATOM   475 H "H3'"  . DA  B 2 4  ? 1.941   -6.752  -8.550  1.00 0.00 ? 14 DA  B "H3'"  1 
ATOM   476 H "H2'"  . DA  B 2 4  ? 0.889   -4.686  -8.169  1.00 0.00 ? 14 DA  B "H2'"  1 
ATOM   477 H "H2''" . DA  B 2 4  ? 1.660   -4.999  -6.550  1.00 0.00 ? 14 DA  B "H2''" 1 
ATOM   478 H "H1'"  . DA  B 2 4  ? 3.662   -3.775  -7.187  1.00 0.00 ? 14 DA  B "H1'"  1 
ATOM   479 H H8     . DA  B 2 4  ? 0.386   -2.444  -8.792  1.00 0.00 ? 14 DA  B H8     1 
ATOM   480 H H61    . DA  B 2 4  ? 0.802   2.188   -6.863  1.00 0.00 ? 14 DA  B H61    1 
ATOM   481 H H62    . DA  B 2 4  ? 2.091   2.845   -5.855  1.00 0.00 ? 14 DA  B H62    1 
ATOM   482 H H2     . DA  B 2 4  ? 5.170   -0.122  -5.187  1.00 0.00 ? 14 DA  B H2     1 
ATOM   483 P P      . DT  B 2 5  ? 4.397   -7.720  -7.405  1.00 0.00 ? 15 DT  B P      1 
ATOM   484 O OP1    . DT  B 2 5  ? 5.355   -7.604  -8.532  1.00 0.00 ? 15 DT  B OP1    1 
ATOM   485 O OP2    . DT  B 2 5  ? 3.443   -8.844  -7.353  1.00 0.00 ? 15 DT  B OP2    1 
ATOM   486 O "O5'"  . DT  B 2 5  ? 5.222   -7.671  -6.043  1.00 0.00 ? 15 DT  B "O5'"  1 
ATOM   487 C "C5'"  . DT  B 2 5  ? 4.603   -7.727  -4.760  1.00 0.00 ? 15 DT  B "C5'"  1 
ATOM   488 C "C4'"  . DT  B 2 5  ? 5.182   -6.631  -3.831  1.00 0.00 ? 15 DT  B "C4'"  1 
ATOM   489 O "O4'"  . DT  B 2 5  ? 4.681   -5.339  -4.210  1.00 0.00 ? 15 DT  B "O4'"  1 
ATOM   490 C "C3'"  . DT  B 2 5  ? 4.725   -6.884  -2.367  1.00 0.00 ? 15 DT  B "C3'"  1 
ATOM   491 O "O3'"  . DT  B 2 5  ? 5.832   -6.855  -1.472  1.00 0.00 ? 15 DT  B "O3'"  1 
ATOM   492 C "C2'"  . DT  B 2 5  ? 3.759   -5.758  -2.112  1.00 0.00 ? 15 DT  B "C2'"  1 
ATOM   493 C "C1'"  . DT  B 2 5  ? 4.303   -4.664  -3.025  1.00 0.00 ? 15 DT  B "C1'"  1 
ATOM   494 N N1     . DT  B 2 5  ? 3.322   -3.554  -3.257  1.00 0.00 ? 15 DT  B N1     1 
ATOM   495 C C2     . DT  B 2 5  ? 3.613   -2.267  -2.751  1.00 0.00 ? 15 DT  B C2     1 
ATOM   496 O O2     . DT  B 2 5  ? 4.642   -1.990  -2.144  1.00 0.00 ? 15 DT  B O2     1 
ATOM   497 N N3     . DT  B 2 5  ? 2.669   -1.292  -2.962  1.00 0.00 ? 15 DT  B N3     1 
ATOM   498 C C4     . DT  B 2 5  ? 1.488   -1.460  -3.640  1.00 0.00 ? 15 DT  B C4     1 
ATOM   499 O O4     . DT  B 2 5  ? 0.760   -0.487  -3.823  1.00 0.00 ? 15 DT  B O4     1 
ATOM   500 C C5     . DT  B 2 5  ? 1.235   -2.817  -4.117  1.00 0.00 ? 15 DT  B C5     1 
ATOM   501 C C7     . DT  B 2 5  ? -0.047  -3.125  -4.867  1.00 0.00 ? 15 DT  B C7     1 
ATOM   502 C C6     . DT  B 2 5  ? 2.142   -3.803  -3.921  1.00 0.00 ? 15 DT  B C6     1 
ATOM   503 H "H5'"  . DT  B 2 5  ? 4.753   -8.717  -4.329  1.00 0.00 ? 15 DT  B "H5'"  1 
ATOM   504 H "H5''" . DT  B 2 5  ? 3.535   -7.544  -4.877  1.00 0.00 ? 15 DT  B "H5''" 1 
ATOM   505 H "H4'"  . DT  B 2 5  ? 6.271   -6.659  -3.869  1.00 0.00 ? 15 DT  B "H4'"  1 
ATOM   506 H "H3'"  . DT  B 2 5  ? 4.230   -7.852  -2.285  1.00 0.00 ? 15 DT  B "H3'"  1 
ATOM   507 H "H2'"  . DT  B 2 5  ? 2.766   -6.091  -2.412  1.00 0.00 ? 15 DT  B "H2'"  1 
ATOM   508 H "H2''" . DT  B 2 5  ? 3.761   -5.403  -1.081  1.00 0.00 ? 15 DT  B "H2''" 1 
ATOM   509 H "H1'"  . DT  B 2 5  ? 5.200   -4.280  -2.540  1.00 0.00 ? 15 DT  B "H1'"  1 
ATOM   510 H H3     . DT  B 2 5  ? 2.872   -0.371  -2.599  1.00 0.00 ? 15 DT  B H3     1 
ATOM   511 H H71    . DT  B 2 5  ? -0.894  -2.965  -4.200  1.00 0.00 ? 15 DT  B H71    1 
ATOM   512 H H72    . DT  B 2 5  ? -0.090  -4.155  -5.221  1.00 0.00 ? 15 DT  B H72    1 
ATOM   513 H H73    . DT  B 2 5  ? -0.164  -2.423  -5.692  1.00 0.00 ? 15 DT  B H73    1 
ATOM   514 H H6     . DT  B 2 5  ? 1.965   -4.788  -4.327  1.00 0.00 ? 15 DT  B H6     1 
ATOM   515 P P      . DC  B 2 6  ? 5.727   -7.266  0.091   1.00 0.00 ? 16 DC  B P      1 
ATOM   516 O OP1    . DC  B 2 6  ? 7.072   -7.790  0.439   1.00 0.00 ? 16 DC  B OP1    1 
ATOM   517 O OP2    . DC  B 2 6  ? 4.543   -8.132  0.324   1.00 0.00 ? 16 DC  B OP2    1 
ATOM   518 O "O5'"  . DC  B 2 6  ? 5.504   -5.880  0.868   1.00 0.00 ? 16 DC  B "O5'"  1 
ATOM   519 C "C5'"  . DC  B 2 6  ? 6.551   -4.912  0.988   1.00 0.00 ? 16 DC  B "C5'"  1 
ATOM   520 C "C4'"  . DC  B 2 6  ? 6.113   -3.658  1.757   1.00 0.00 ? 16 DC  B "C4'"  1 
ATOM   521 O "O4'"  . DC  B 2 6  ? 5.146   -2.939  1.007   1.00 0.00 ? 16 DC  B "O4'"  1 
ATOM   522 C "C3'"  . DC  B 2 6  ? 5.519   -3.947  3.155   1.00 0.00 ? 16 DC  B "C3'"  1 
ATOM   523 O "O3'"  . DC  B 2 6  ? 6.107   -3.114  4.143   1.00 0.00 ? 16 DC  B "O3'"  1 
ATOM   524 C "C2'"  . DC  B 2 6  ? 4.052   -3.575  2.978   1.00 0.00 ? 16 DC  B "C2'"  1 
ATOM   525 C "C1'"  . DC  B 2 6  ? 4.125   -2.506  1.878   1.00 0.00 ? 16 DC  B "C1'"  1 
ATOM   526 N N1     . DC  B 2 6  ? 2.869   -2.345  1.093   1.00 0.00 ? 16 DC  B N1     1 
ATOM   527 C C2     . DC  B 2 6  ? 2.243   -1.092  0.990   1.00 0.00 ? 16 DC  B C2     1 
ATOM   528 O O2     . DC  B 2 6  ? 2.720   -0.103  1.544   1.00 0.00 ? 16 DC  B O2     1 
ATOM   529 N N3     . DC  B 2 6  ? 1.076   -0.954  0.313   1.00 0.00 ? 16 DC  B N3     1 
ATOM   530 C C4     . DC  B 2 6  ? 0.564   -2.005  -0.273  1.00 0.00 ? 16 DC  B C4     1 
ATOM   531 N N4     . DC  B 2 6  ? -0.542  -1.823  -0.957  1.00 0.00 ? 16 DC  B N4     1 
ATOM   532 C C5     . DC  B 2 6  ? 1.151   -3.287  -0.215  1.00 0.00 ? 16 DC  B C5     1 
ATOM   533 C C6     . DC  B 2 6  ? 2.292   -3.439  0.484   1.00 0.00 ? 16 DC  B C6     1 
ATOM   534 H "H5'"  . DC  B 2 6  ? 6.849   -4.579  -0.006  1.00 0.00 ? 16 DC  B "H5'"  1 
ATOM   535 H "H5''" . DC  B 2 6  ? 7.402   -5.348  1.511   1.00 0.00 ? 16 DC  B "H5''" 1 
ATOM   536 H "H4'"  . DC  B 2 6  ? 7.013   -3.054  1.874   1.00 0.00 ? 16 DC  B "H4'"  1 
ATOM   537 H "H3'"  . DC  B 2 6  ? 5.607   -5.004  3.402   1.00 0.00 ? 16 DC  B "H3'"  1 
ATOM   538 H "H2'"  . DC  B 2 6  ? 3.505   -4.460  2.652   1.00 0.00 ? 16 DC  B "H2'"  1 
ATOM   539 H "H2''" . DC  B 2 6  ? 3.583   -3.184  3.880   1.00 0.00 ? 16 DC  B "H2''" 1 
ATOM   540 H "H1'"  . DC  B 2 6  ? 4.433   -1.566  2.336   1.00 0.00 ? 16 DC  B "H1'"  1 
ATOM   541 H H41    . DC  B 2 6  ? -0.918  -2.579  -1.511  1.00 0.00 ? 16 DC  B H41    1 
ATOM   542 H H42    . DC  B 2 6  ? -0.879  -0.874  -1.024  1.00 0.00 ? 16 DC  B H42    1 
ATOM   543 H H5     . DC  B 2 6  ? 0.738   -4.147  -0.723  1.00 0.00 ? 16 DC  B H5     1 
ATOM   544 H H6     . DC  B 2 6  ? 2.770   -4.404  0.568   1.00 0.00 ? 16 DC  B H6     1 
ATOM   545 P P      . DT  B 2 7  ? 6.262   -3.549  5.688   1.00 0.00 ? 17 DT  B P      1 
ATOM   546 O OP1    . DT  B 2 7  ? 7.035   -2.478  6.375   1.00 0.00 ? 17 DT  B OP1    1 
ATOM   547 O OP2    . DT  B 2 7  ? 6.814   -4.923  5.714   1.00 0.00 ? 17 DT  B OP2    1 
ATOM   548 O "O5'"  . DT  B 2 7  ? 4.758   -3.554  6.292   1.00 0.00 ? 17 DT  B "O5'"  1 
ATOM   549 C "C5'"  . DT  B 2 7  ? 4.163   -4.749  6.806   1.00 0.00 ? 17 DT  B "C5'"  1 
ATOM   550 C "C4'"  . DT  B 2 7  ? 2.898   -4.471  7.635   1.00 0.00 ? 17 DT  B "C4'"  1 
ATOM   551 O "O4'"  . DT  B 2 7  ? 1.733   -4.254  6.813   1.00 0.00 ? 17 DT  B "O4'"  1 
ATOM   552 C "C3'"  . DT  B 2 7  ? 2.584   -5.639  8.574   1.00 0.00 ? 17 DT  B "C3'"  1 
ATOM   553 O "O3'"  . DT  B 2 7  ? 2.506   -5.197  9.921   1.00 0.00 ? 17 DT  B "O3'"  1 
ATOM   554 C "C2'"  . DT  B 2 7  ? 1.164   -6.011  8.154   1.00 0.00 ? 17 DT  B "C2'"  1 
ATOM   555 C "C1'"  . DT  B 2 7  ? 0.636   -4.690  7.602   1.00 0.00 ? 17 DT  B "C1'"  1 
ATOM   556 N N1     . DT  B 2 7  ? -0.642  -4.775  6.825   1.00 0.00 ? 17 DT  B N1     1 
ATOM   557 C C2     . DT  B 2 7  ? -1.447  -3.635  6.843   1.00 0.00 ? 17 DT  B C2     1 
ATOM   558 O O2     . DT  B 2 7  ? -1.173  -2.608  7.450   1.00 0.00 ? 17 DT  B O2     1 
ATOM   559 N N3     . DT  B 2 7  ? -2.598  -3.678  6.099   1.00 0.00 ? 17 DT  B N3     1 
ATOM   560 C C4     . DT  B 2 7  ? -3.063  -4.773  5.370   1.00 0.00 ? 17 DT  B C4     1 
ATOM   561 O O4     . DT  B 2 7  ? -4.143  -4.680  4.777   1.00 0.00 ? 17 DT  B O4     1 
ATOM   562 C C5     . DT  B 2 7  ? -2.182  -5.929  5.417   1.00 0.00 ? 17 DT  B C5     1 
ATOM   563 C C7     . DT  B 2 7  ? -2.591  -7.190  4.662   1.00 0.00 ? 17 DT  B C7     1 
ATOM   564 C C6     . DT  B 2 7  ? -0.999  -5.909  6.101   1.00 0.00 ? 17 DT  B C6     1 
ATOM   565 H "H5'"  . DT  B 2 7  ? 4.883   -5.215  7.479   1.00 0.00 ? 17 DT  B "H5'"  1 
ATOM   566 H "H5''" . DT  B 2 7  ? 3.927   -5.444  6.000   1.00 0.00 ? 17 DT  B "H5''" 1 
ATOM   567 H "H4'"  . DT  B 2 7  ? 3.076   -3.583  8.241   1.00 0.00 ? 17 DT  B "H4'"  1 
ATOM   568 H "H3'"  . DT  B 2 7  ? 3.243   -6.497  8.431   1.00 0.00 ? 17 DT  B "H3'"  1 
ATOM   569 H "H2'"  . DT  B 2 7  ? 1.251   -6.772  7.378   1.00 0.00 ? 17 DT  B "H2'"  1 
ATOM   570 H "H2''" . DT  B 2 7  ? 0.584   -6.374  9.003   1.00 0.00 ? 17 DT  B "H2''" 1 
ATOM   571 H "H1'"  . DT  B 2 7  ? 0.499   -4.015  8.446   1.00 0.00 ? 17 DT  B "H1'"  1 
ATOM   572 H H3     . DT  B 2 7  ? -3.158  -2.840  6.028   1.00 0.00 ? 17 DT  B H3     1 
ATOM   573 H H71    . DT  B 2 7  ? -3.596  -7.486  4.963   1.00 0.00 ? 17 DT  B H71    1 
ATOM   574 H H72    . DT  B 2 7  ? -2.599  -7.016  3.587   1.00 0.00 ? 17 DT  B H72    1 
ATOM   575 H H73    . DT  B 2 7  ? -1.931  -8.033  4.863   1.00 0.00 ? 17 DT  B H73    1 
ATOM   576 H H6     . DT  B 2 7  ? -0.335  -6.757  6.037   1.00 0.00 ? 17 DT  B H6     1 
ATOM   577 P P      . DT  B 2 8  ? 3.788   -5.085  10.909  1.00 0.00 ? 18 DT  B P      1 
ATOM   578 O OP1    . DT  B 2 8  ? 4.909   -4.421  10.202  1.00 0.00 ? 18 DT  B OP1    1 
ATOM   579 O OP2    . DT  B 2 8  ? 3.990   -6.413  11.534  1.00 0.00 ? 18 DT  B OP2    1 
ATOM   580 O "O5'"  . DT  B 2 8  ? 3.280   -4.082  12.058  1.00 0.00 ? 18 DT  B "O5'"  1 
ATOM   581 C "C5'"  . DT  B 2 8  ? 3.099   -2.703  11.835  1.00 0.00 ? 18 DT  B "C5'"  1 
ATOM   582 C "C4'"  . DT  B 2 8  ? 1.676   -2.232  12.216  1.00 0.00 ? 18 DT  B "C4'"  1 
ATOM   583 O "O4'"  . DT  B 2 8  ? 0.704   -2.575  11.206  1.00 0.00 ? 18 DT  B "O4'"  1 
ATOM   584 C "C3'"  . DT  B 2 8  ? 1.142   -2.786  13.563  1.00 0.00 ? 18 DT  B "C3'"  1 
ATOM   585 O "O3'"  . DT  B 2 8  ? 0.483   -1.777  14.353  1.00 0.00 ? 18 DT  B "O3'"  1 
ATOM   586 C "C2'"  . DT  B 2 8  ? 0.079   -3.764  13.096  1.00 0.00 ? 18 DT  B "C2'"  1 
ATOM   587 C "C1'"  . DT  B 2 8  ? -0.468  -2.986  11.884  1.00 0.00 ? 18 DT  B "C1'"  1 
ATOM   588 N N1     . DT  B 2 8  ? -1.459  -3.733  11.046  1.00 0.00 ? 18 DT  B N1     1 
ATOM   589 C C2     . DT  B 2 8  ? -2.537  -2.988  10.551  1.00 0.00 ? 18 DT  B C2     1 
ATOM   590 O O2     . DT  B 2 8  ? -2.714  -1.803  10.794  1.00 0.00 ? 18 DT  B O2     1 
ATOM   591 N N3     . DT  B 2 8  ? -3.430  -3.646  9.748   1.00 0.00 ? 18 DT  B N3     1 
ATOM   592 C C4     . DT  B 2 8  ? -3.322  -4.953  9.341   1.00 0.00 ? 18 DT  B C4     1 
ATOM   593 O O4     . DT  B 2 8  ? -4.140  -5.375  8.525   1.00 0.00 ? 18 DT  B O4     1 
ATOM   594 C C5     . DT  B 2 8  ? -2.202  -5.700  9.912   1.00 0.00 ? 18 DT  B C5     1 
ATOM   595 C C7     . DT  B 2 8  ? -2.010  -7.172  9.575   1.00 0.00 ? 18 DT  B C7     1 
ATOM   596 C C6     . DT  B 2 8  ? -1.319  -5.074  10.748  1.00 0.00 ? 18 DT  B C6     1 
ATOM   597 H "H5'"  . DT  B 2 8  ? 3.323   -2.449  10.799  1.00 0.00 ? 18 DT  B "H5'"  1 
ATOM   598 H "H5''" . DT  B 2 8  ? 3.815   -2.160  12.452  1.00 0.00 ? 18 DT  B "H5''" 1 
ATOM   599 H "H4'"  . DT  B 2 8  ? 1.732   -1.148  12.305  1.00 0.00 ? 18 DT  B "H4'"  1 
ATOM   600 H "H3'"  . DT  B 2 8  ? 1.939   -3.274  14.125  1.00 0.00 ? 18 DT  B "H3'"  1 
ATOM   601 H "H2'"  . DT  B 2 8  ? 0.574   -4.691  12.807  1.00 0.00 ? 18 DT  B "H2'"  1 
ATOM   602 H "H2''" . DT  B 2 8  ? -0.683  -3.911  13.861  1.00 0.00 ? 18 DT  B "H2''" 1 
ATOM   603 H "H1'"  . DT  B 2 8  ? -0.982  -2.092  12.237  1.00 0.00 ? 18 DT  B "H1'"  1 
ATOM   604 H H3     . DT  B 2 8  ? -4.204  -3.108  9.384   1.00 0.00 ? 18 DT  B H3     1 
ATOM   605 H H71    . DT  B 2 8  ? -1.831  -7.273  8.504   1.00 0.00 ? 18 DT  B H71    1 
ATOM   606 H H72    . DT  B 2 8  ? -2.951  -7.673  9.801   1.00 0.00 ? 18 DT  B H72    1 
ATOM   607 H H73    . DT  B 2 8  ? -1.185  -7.596  10.146  1.00 0.00 ? 18 DT  B H73    1 
ATOM   608 H H6     . DT  B 2 8  ? -0.499  -5.627  11.182  1.00 0.00 ? 18 DT  B H6     1 
ATOM   609 P P      . DA  B 2 9  ? 1.240   -0.973  15.506  1.00 0.00 ? 19 DA  B P      1 
ATOM   610 O OP1    . DA  B 2 9  ? 2.412   -0.247  14.953  1.00 0.00 ? 19 DA  B OP1    1 
ATOM   611 O OP2    . DA  B 2 9  ? 1.445   -1.852  16.660  1.00 0.00 ? 19 DA  B OP2    1 
ATOM   612 O "O5'"  . DA  B 2 9  ? 0.103   0.106   15.885  1.00 0.00 ? 19 DA  B "O5'"  1 
ATOM   613 C "C5'"  . DA  B 2 9  ? -0.019  1.343   15.197  1.00 0.00 ? 19 DA  B "C5'"  1 
ATOM   614 C "C4'"  . DA  B 2 9  ? -1.400  2.004   15.299  1.00 0.00 ? 19 DA  B "C4'"  1 
ATOM   615 O "O4'"  . DA  B 2 9  ? -2.346  1.308   14.485  1.00 0.00 ? 19 DA  B "O4'"  1 
ATOM   616 C "C3'"  . DA  B 2 9  ? -1.983  2.113   16.715  1.00 0.00 ? 19 DA  B "C3'"  1 
ATOM   617 O "O3'"  . DA  B 2 9  ? -2.690  3.345   16.796  1.00 0.00 ? 19 DA  B "O3'"  1 
ATOM   618 C "C2'"  . DA  B 2 9  ? -2.873  0.868   16.769  1.00 0.00 ? 19 DA  B "C2'"  1 
ATOM   619 C "C1'"  . DA  B 2 9  ? -3.326  0.677   15.302  1.00 0.00 ? 19 DA  B "C1'"  1 
ATOM   620 N N9     . DA  B 2 9  ? -3.434  -0.740  14.895  1.00 0.00 ? 19 DA  B N9     1 
ATOM   621 C C8     . DA  B 2 9  ? -2.662  -1.828  15.249  1.00 0.00 ? 19 DA  B C8     1 
ATOM   622 N N7     . DA  B 2 9  ? -3.030  -2.955  14.666  1.00 0.00 ? 19 DA  B N7     1 
ATOM   623 C C5     . DA  B 2 9  ? -4.116  -2.562  13.886  1.00 0.00 ? 19 DA  B C5     1 
ATOM   624 C C6     . DA  B 2 9  ? -4.995  -3.236  13.002  1.00 0.00 ? 19 DA  B C6     1 
ATOM   625 N N6     . DA  B 2 9  ? -4.916  -4.528  12.684  1.00 0.00 ? 19 DA  B N6     1 
ATOM   626 N N1     . DA  B 2 9  ? -5.978  -2.583  12.360  1.00 0.00 ? 19 DA  B N1     1 
ATOM   627 C C2     . DA  B 2 9  ? -6.117  -1.291  12.612  1.00 0.00 ? 19 DA  B C2     1 
ATOM   628 N N3     . DA  B 2 9  ? -5.392  -0.526  13.428  1.00 0.00 ? 19 DA  B N3     1 
ATOM   629 C C4     . DA  B 2 9  ? -4.384  -1.228  14.030  1.00 0.00 ? 19 DA  B C4     1 
ATOM   630 H "H5'"  . DA  B 2 9  ? 0.213   1.200   14.141  1.00 0.00 ? 19 DA  B "H5'"  1 
ATOM   631 H "H5''" . DA  B 2 9  ? 0.736   2.003   15.625  1.00 0.00 ? 19 DA  B "H5''" 1 
ATOM   632 H "H4'"  . DA  B 2 9  ? -1.309  3.013   14.897  1.00 0.00 ? 19 DA  B "H4'"  1 
ATOM   633 H "H3'"  . DA  B 2 9  ? -1.205  2.057   17.477  1.00 0.00 ? 19 DA  B "H3'"  1 
ATOM   634 H "H2'"  . DA  B 2 9  ? -2.277  0.032   17.131  1.00 0.00 ? 19 DA  B "H2'"  1 
ATOM   635 H "H2''" . DA  B 2 9  ? -3.736  0.973   17.427  1.00 0.00 ? 19 DA  B "H2''" 1 
ATOM   636 H "H1'"  . DA  B 2 9  ? -4.292  1.165   15.170  1.00 0.00 ? 19 DA  B "H1'"  1 
ATOM   637 H H8     . DA  B 2 9  ? -1.819  -1.766  15.920  1.00 0.00 ? 19 DA  B H8     1 
ATOM   638 H H61    . DA  B 2 9  ? -4.218  -5.098  13.138  1.00 0.00 ? 19 DA  B H61    1 
ATOM   639 H H62    . DA  B 2 9  ? -5.537  -4.913  11.986  1.00 0.00 ? 19 DA  B H62    1 
ATOM   640 H H2     . DA  B 2 9  ? -6.932  -0.792  12.107  1.00 0.00 ? 19 DA  B H2     1 
ATOM   641 P P      . DG  B 2 10 ? -3.591  3.796   18.045  1.00 0.00 ? 20 DG  B P      1 
ATOM   642 O OP1    . DG  B 2 10 ? -3.569  5.282   18.084  1.00 0.00 ? 20 DG  B OP1    1 
ATOM   643 O OP2    . DG  B 2 10 ? -3.195  3.041   19.250  1.00 0.00 ? 20 DG  B OP2    1 
ATOM   644 O "O5'"  . DG  B 2 10 ? -5.071  3.325   17.592  1.00 0.00 ? 20 DG  B "O5'"  1 
ATOM   645 C "C5'"  . DG  B 2 10 ? -5.785  3.984   16.540  1.00 0.00 ? 20 DG  B "C5'"  1 
ATOM   646 C "C4'"  . DG  B 2 10 ? -7.166  3.377   16.257  1.00 0.00 ? 20 DG  B "C4'"  1 
ATOM   647 O "O4'"  . DG  B 2 10 ? -7.005  2.057   15.742  1.00 0.00 ? 20 DG  B "O4'"  1 
ATOM   648 C "C3'"  . DG  B 2 10 ? -8.066  3.287   17.496  1.00 0.00 ? 20 DG  B "C3'"  1 
ATOM   649 O "O3'"  . DG  B 2 10 ? -9.398  3.751   17.218  1.00 0.00 ? 20 DG  B "O3'"  1 
ATOM   650 C "C2'"  . DG  B 2 10 ? -8.086  1.781   17.811  1.00 0.00 ? 20 DG  B "C2'"  1 
ATOM   651 C "C1'"  . DG  B 2 10 ? -7.897  1.187   16.418  1.00 0.00 ? 20 DG  B "C1'"  1 
ATOM   652 N N9     . DG  B 2 10 ? -7.391  -0.200  16.436  1.00 0.00 ? 20 DG  B N9     1 
ATOM   653 C C8     . DG  B 2 10 ? -6.365  -0.715  17.208  1.00 0.00 ? 20 DG  B C8     1 
ATOM   654 N N7     . DG  B 2 10 ? -6.115  -1.972  16.991  1.00 0.00 ? 20 DG  B N7     1 
ATOM   655 C C5     . DG  B 2 10 ? -7.078  -2.342  16.042  1.00 0.00 ? 20 DG  B C5     1 
ATOM   656 C C6     . DG  B 2 10 ? -7.375  -3.614  15.430  1.00 0.00 ? 20 DG  B C6     1 
ATOM   657 O O6     . DG  B 2 10 ? -6.792  -4.697  15.579  1.00 0.00 ? 20 DG  B O6     1 
ATOM   658 N N1     . DG  B 2 10 ? -8.450  -3.592  14.560  1.00 0.00 ? 20 DG  B N1     1 
ATOM   659 C C2     . DG  B 2 10 ? -9.198  -2.478  14.338  1.00 0.00 ? 20 DG  B C2     1 
ATOM   660 N N2     . DG  B 2 10 ? -10.224 -2.622  13.532  1.00 0.00 ? 20 DG  B N2     1 
ATOM   661 N N3     . DG  B 2 10 ? -8.958  -1.274  14.864  1.00 0.00 ? 20 DG  B N3     1 
ATOM   662 C C4     . DG  B 2 10 ? -7.889  -1.273  15.716  1.00 0.00 ? 20 DG  B C4     1 
ATOM   663 H "H5'"  . DG  B 2 10 ? -5.191  3.959   15.628  1.00 0.00 ? 20 DG  B "H5'"  1 
ATOM   664 H "H5''" . DG  B 2 10 ? -5.956  5.015   16.849  1.00 0.00 ? 20 DG  B "H5''" 1 
ATOM   665 H "H4'"  . DG  B 2 10 ? -7.644  4.017   15.516  1.00 0.00 ? 20 DG  B "H4'"  1 
ATOM   666 H "H3'"  . DG  B 2 10 ? -7.648  3.840   18.337  1.00 0.00 ? 20 DG  B "H3'"  1 
ATOM   667 H "HO3'" . DG  B 2 10 ? -9.924  3.735   18.022  1.00 0.00 ? 20 DG  B "HO3'" 1 
ATOM   668 H "H2'"  . DG  B 2 10 ? -7.227  1.563   18.444  1.00 0.00 ? 20 DG  B "H2'"  1 
ATOM   669 H "H2''" . DG  B 2 10 ? -9.010  1.457   18.290  1.00 0.00 ? 20 DG  B "H2''" 1 
ATOM   670 H "H1'"  . DG  B 2 10 ? -8.855  1.233   15.900  1.00 0.00 ? 20 DG  B "H1'"  1 
ATOM   671 H H8     . DG  B 2 10 ? -5.819  -0.105  17.914  1.00 0.00 ? 20 DG  B H8     1 
ATOM   672 H H1     . DG  B 2 10 ? -8.719  -4.471  14.140  1.00 0.00 ? 20 DG  B H1     1 
ATOM   673 H H21    . DG  B 2 10 ? -10.798 -1.816  13.325  1.00 0.00 ? 20 DG  B H21    1 
ATOM   674 H H22    . DG  B 2 10 ? -10.439 -3.529  13.142  1.00 0.00 ? 20 DG  B H22    1 
# 
